data_6Q4Q
#
_entry.id   6Q4Q
#
_cell.length_a   49.272
_cell.length_b   125.221
_cell.length_c   66.456
_cell.angle_alpha   90.00
_cell.angle_beta   92.60
_cell.angle_gamma   90.00
#
_symmetry.space_group_name_H-M   'P 1 21 1'
#
loop_
_entity.id
_entity.type
_entity.pdbx_description
1 polymer 'Casein kinase II subunit alpha'
2 polymer 'Stapled peptide'
3 non-polymer GLYCEROL
4 non-polymer 'BENZOIC ACID'
5 non-polymer 'ACETATE ION'
6 non-polymer '3,5-bis(1-methyl-1,2,3-triazol-4-yl)benzoic acid'
7 water water
#
loop_
_entity_poly.entity_id
_entity_poly.type
_entity_poly.pdbx_seq_one_letter_code
_entity_poly.pdbx_strand_id
1 'polypeptide(L)'
;GPVPSRARVYTDVNTHRPSEYWDYESHVVEWGNQDDYQLVRKLGRGKYSEVFEAINITNNEKVVVKILKPVKKKKIKREI
KILENLRGGPNIITLADIVKDPVSRTPALVFEHVNNTDFKQLYQTLTDYDIRFYMYEILKALDYCHSMGIMHRDVKPHNV
MIDHEHRKLRLIDWGLAEFYHPGQEYNVRVASRYFKGPELLVDYQMYDYSLDMWSLGCMLASMIFRKEPFFHGHDNYDQL
VRIAKVLGTEDLYDYIDKYNIELDPRFNDILGRHSRKRWERFVHSENQHLVSPEALDFLDKLLRYDHQSRLTAREAMEHP
YFYTVVK
;
A,B
2 'polypeptide(L)' (ACE)GGRLYGFKWHGGG(NH2) C,D
#
loop_
_chem_comp.id
_chem_comp.type
_chem_comp.name
_chem_comp.formula
A1H27 non-polymer '3,5-bis(1-methyl-1,2,3-triazol-4-yl)benzoic acid' 'C13 H12 N6 O2'
ACE non-polymer 'ACETYL GROUP' 'C2 H4 O'
ACT non-polymer 'ACETATE ION' 'C2 H3 O2 -1'
BEZ non-polymer 'BENZOIC ACID' 'C7 H6 O2'
GOL non-polymer GLYCEROL 'C3 H8 O3'
NH2 non-polymer 'AMINO GROUP' 'H2 N'
#
# COMPACT_ATOMS: atom_id res chain seq x y z
N GLY A 1 0.28 11.00 8.35
CA GLY A 1 -0.34 10.44 7.16
C GLY A 1 -1.54 9.53 7.41
N PRO A 2 -2.07 8.86 6.36
CA PRO A 2 -3.23 7.97 6.58
C PRO A 2 -2.93 6.78 7.49
N VAL A 3 -3.96 6.34 8.25
CA VAL A 3 -3.91 5.22 9.18
C VAL A 3 -3.90 3.92 8.36
N PRO A 4 -3.00 2.95 8.68
CA PRO A 4 -3.00 1.69 7.93
C PRO A 4 -4.28 0.86 8.14
N SER A 5 -4.53 -0.07 7.24
CA SER A 5 -5.72 -0.93 7.23
C SER A 5 -5.29 -2.27 6.69
N ARG A 6 -5.98 -3.33 7.14
CA ARG A 6 -5.72 -4.69 6.66
C ARG A 6 -7.06 -5.34 6.35
N ALA A 7 -7.09 -6.22 5.33
CA ALA A 7 -8.31 -6.98 5.06
C ALA A 7 -8.69 -7.80 6.34
N ARG A 8 -10.01 -7.86 6.65
CA ARG A 8 -10.45 -8.68 7.80
C ARG A 8 -10.29 -10.16 7.53
N VAL A 9 -10.31 -10.54 6.24
CA VAL A 9 -10.28 -11.94 5.84
C VAL A 9 -9.22 -12.18 4.77
N TYR A 10 -8.76 -13.43 4.66
CA TYR A 10 -7.77 -13.84 3.65
C TYR A 10 -6.58 -12.87 3.67
N THR A 11 -6.21 -12.42 4.88
CA THR A 11 -5.22 -11.35 5.00
C THR A 11 -3.85 -11.72 4.48
N ASP A 12 -3.32 -12.87 4.93
CA ASP A 12 -1.96 -13.32 4.66
C ASP A 12 -1.87 -14.48 3.66
N VAL A 13 -2.88 -14.64 2.81
CA VAL A 13 -2.86 -15.73 1.82
C VAL A 13 -1.59 -15.71 0.98
N ASN A 14 -1.17 -14.55 0.44
CA ASN A 14 -0.01 -14.54 -0.46
C ASN A 14 1.34 -14.78 0.25
N THR A 15 1.42 -14.47 1.54
CA THR A 15 2.64 -14.71 2.35
C THR A 15 2.92 -16.21 2.42
N HIS A 16 1.86 -17.02 2.41
CA HIS A 16 1.97 -18.46 2.51
C HIS A 16 1.97 -19.16 1.15
N ARG A 17 2.28 -18.41 0.09
CA ARG A 17 2.40 -18.95 -1.25
C ARG A 17 3.81 -18.60 -1.75
N PRO A 18 4.38 -19.43 -2.64
CA PRO A 18 5.71 -19.14 -3.16
C PRO A 18 5.68 -17.93 -4.07
N SER A 19 6.82 -17.26 -4.25
CA SER A 19 6.85 -16.08 -5.11
C SER A 19 6.36 -16.37 -6.54
N GLU A 20 6.55 -17.60 -7.07
CA GLU A 20 6.04 -18.00 -8.39
C GLU A 20 4.54 -17.65 -8.52
N TYR A 21 3.79 -17.73 -7.38
CA TYR A 21 2.34 -17.52 -7.41
C TYR A 21 1.95 -16.07 -7.70
N TRP A 22 2.57 -15.10 -6.98
CA TRP A 22 2.22 -13.70 -7.05
C TRP A 22 3.23 -12.80 -7.78
N ASP A 23 4.45 -13.30 -8.10
CA ASP A 23 5.48 -12.45 -8.72
C ASP A 23 5.31 -12.51 -10.21
N TYR A 24 4.25 -11.84 -10.72
CA TYR A 24 3.91 -11.91 -12.13
C TYR A 24 4.99 -11.36 -13.05
N GLU A 25 5.81 -10.41 -12.58
CA GLU A 25 6.87 -9.83 -13.44
C GLU A 25 7.90 -10.90 -13.83
N SER A 26 8.07 -11.95 -13.00
CA SER A 26 9.02 -13.05 -13.25
C SER A 26 8.39 -14.21 -14.02
N HIS A 27 7.08 -14.13 -14.31
CA HIS A 27 6.38 -15.20 -15.01
C HIS A 27 6.91 -15.42 -16.41
N VAL A 28 7.13 -16.67 -16.80
CA VAL A 28 7.55 -17.00 -18.17
C VAL A 28 6.29 -17.42 -18.91
N VAL A 29 5.83 -16.59 -19.86
CA VAL A 29 4.60 -16.87 -20.61
C VAL A 29 4.80 -18.09 -21.50
N GLU A 30 3.81 -19.00 -21.49
CA GLU A 30 3.78 -20.19 -22.34
C GLU A 30 2.94 -19.79 -23.57
N TRP A 31 3.60 -19.54 -24.73
CA TRP A 31 2.94 -19.10 -25.95
C TRP A 31 2.52 -20.27 -26.80
N GLY A 32 1.29 -20.21 -27.29
CA GLY A 32 0.75 -21.24 -28.16
C GLY A 32 1.03 -20.85 -29.61
N ASN A 33 0.31 -21.50 -30.53
CA ASN A 33 0.47 -21.26 -31.97
C ASN A 33 -0.66 -20.36 -32.46
N GLN A 34 -0.36 -19.11 -32.87
CA GLN A 34 -1.38 -18.18 -33.35
C GLN A 34 -2.24 -18.77 -34.48
N ASP A 35 -1.61 -19.49 -35.43
CA ASP A 35 -2.28 -20.10 -36.58
C ASP A 35 -3.33 -21.15 -36.24
N ASP A 36 -3.44 -21.57 -34.94
CA ASP A 36 -4.52 -22.47 -34.51
C ASP A 36 -5.86 -21.72 -34.47
N TYR A 37 -5.85 -20.36 -34.46
CA TYR A 37 -7.04 -19.55 -34.31
C TYR A 37 -7.34 -18.64 -35.45
N GLN A 38 -8.64 -18.53 -35.78
CA GLN A 38 -9.12 -17.65 -36.83
C GLN A 38 -10.29 -16.84 -36.33
N LEU A 39 -10.30 -15.53 -36.64
CA LEU A 39 -11.35 -14.59 -36.23
C LEU A 39 -12.64 -14.83 -37.01
N VAL A 40 -13.78 -14.73 -36.33
CA VAL A 40 -15.12 -14.90 -36.96
C VAL A 40 -15.80 -13.54 -37.06
N ARG A 41 -16.08 -12.91 -35.92
CA ARG A 41 -16.71 -11.55 -35.93
C ARG A 41 -16.23 -10.74 -34.72
N LYS A 42 -16.26 -9.41 -34.82
CA LYS A 42 -15.83 -8.51 -33.73
C LYS A 42 -16.95 -8.39 -32.70
N LEU A 43 -16.65 -8.58 -31.41
CA LEU A 43 -17.68 -8.50 -30.34
C LEU A 43 -17.63 -7.15 -29.62
N GLY A 44 -16.50 -6.43 -29.68
CA GLY A 44 -16.39 -5.15 -28.96
C GLY A 44 -14.95 -4.65 -28.87
N ARG A 45 -14.77 -3.45 -28.32
CA ARG A 45 -13.48 -2.81 -28.21
C ARG A 45 -13.36 -2.05 -26.90
N GLY A 46 -12.51 -2.54 -26.01
CA GLY A 46 -12.22 -1.91 -24.73
C GLY A 46 -11.30 -0.72 -24.89
N LYS A 47 -10.94 -0.07 -23.77
CA LYS A 47 -10.04 1.09 -23.78
C LYS A 47 -8.61 0.70 -24.20
N TYR A 48 -8.24 -0.58 -23.96
CA TYR A 48 -6.91 -1.13 -24.21
C TYR A 48 -6.93 -2.58 -24.79
N SER A 49 -8.09 -3.03 -25.33
CA SER A 49 -8.26 -4.36 -25.94
C SER A 49 -9.35 -4.39 -27.04
N GLU A 50 -9.36 -5.45 -27.86
CA GLU A 50 -10.35 -5.74 -28.91
C GLU A 50 -10.77 -7.20 -28.76
N VAL A 51 -12.07 -7.46 -28.69
CA VAL A 51 -12.60 -8.80 -28.46
C VAL A 51 -13.29 -9.35 -29.70
N PHE A 52 -13.00 -10.62 -30.03
CA PHE A 52 -13.55 -11.34 -31.18
C PHE A 52 -14.06 -12.71 -30.87
N GLU A 53 -15.15 -13.08 -31.57
CA GLU A 53 -15.64 -14.44 -31.62
C GLU A 53 -14.62 -15.07 -32.58
N ALA A 54 -14.16 -16.26 -32.26
CA ALA A 54 -13.14 -16.95 -33.05
C ALA A 54 -13.35 -18.44 -33.05
N ILE A 55 -12.52 -19.16 -33.83
CA ILE A 55 -12.57 -20.59 -33.93
C ILE A 55 -11.17 -21.18 -33.82
N ASN A 56 -11.05 -22.32 -33.12
CA ASN A 56 -9.81 -23.08 -33.04
C ASN A 56 -9.92 -24.08 -34.19
N ILE A 57 -9.16 -23.88 -35.29
CA ILE A 57 -9.24 -24.72 -36.49
C ILE A 57 -8.69 -26.16 -36.32
N THR A 58 -7.91 -26.41 -35.25
CA THR A 58 -7.34 -27.74 -34.98
C THR A 58 -8.39 -28.74 -34.47
N ASN A 59 -9.55 -28.25 -33.95
CA ASN A 59 -10.63 -29.09 -33.40
C ASN A 59 -12.05 -28.50 -33.57
N ASN A 60 -12.19 -27.39 -34.33
CA ASN A 60 -13.44 -26.67 -34.62
C ASN A 60 -14.18 -26.12 -33.36
N GLU A 61 -13.44 -25.96 -32.27
CA GLU A 61 -14.03 -25.44 -31.01
C GLU A 61 -14.19 -23.92 -31.08
N LYS A 62 -15.35 -23.41 -30.66
CA LYS A 62 -15.59 -21.94 -30.65
C LYS A 62 -14.81 -21.35 -29.46
N VAL A 63 -14.17 -20.20 -29.67
CA VAL A 63 -13.39 -19.55 -28.57
C VAL A 63 -13.59 -18.04 -28.67
N VAL A 64 -13.08 -17.31 -27.67
CA VAL A 64 -13.14 -15.82 -27.70
C VAL A 64 -11.70 -15.32 -27.68
N VAL A 65 -11.35 -14.43 -28.60
CA VAL A 65 -9.96 -13.89 -28.67
C VAL A 65 -9.97 -12.43 -28.22
N LYS A 66 -9.15 -12.11 -27.22
CA LYS A 66 -9.00 -10.75 -26.73
C LYS A 66 -7.61 -10.28 -27.13
N ILE A 67 -7.56 -9.34 -28.08
CA ILE A 67 -6.32 -8.79 -28.58
C ILE A 67 -5.96 -7.61 -27.67
N LEU A 68 -4.76 -7.63 -27.10
CA LEU A 68 -4.35 -6.60 -26.15
C LEU A 68 -3.55 -5.49 -26.80
N LYS A 69 -4.11 -4.27 -26.74
CA LYS A 69 -3.46 -3.05 -27.22
C LYS A 69 -2.27 -2.71 -26.31
N PRO A 70 -1.31 -1.88 -26.78
CA PRO A 70 -0.08 -1.62 -25.99
C PRO A 70 -0.21 -1.37 -24.47
N VAL A 71 -1.14 -0.52 -24.00
CA VAL A 71 -1.25 -0.27 -22.55
C VAL A 71 -1.63 -1.58 -21.77
N LYS A 72 -2.54 -2.41 -22.32
CA LYS A 72 -2.90 -3.69 -21.68
C LYS A 72 -1.86 -4.77 -21.85
N LYS A 73 -1.12 -4.72 -22.97
CA LYS A 73 -0.04 -5.65 -23.30
C LYS A 73 1.08 -5.51 -22.26
N LYS A 74 1.31 -4.28 -21.75
CA LYS A 74 2.36 -3.99 -20.78
C LYS A 74 2.14 -4.71 -19.44
N LYS A 75 0.86 -4.88 -19.03
CA LYS A 75 0.48 -5.59 -17.78
C LYS A 75 -0.05 -7.00 -18.08
N ILE A 76 0.24 -7.52 -19.27
CA ILE A 76 -0.24 -8.85 -19.67
C ILE A 76 0.19 -9.93 -18.70
N LYS A 77 1.44 -9.87 -18.18
CA LYS A 77 1.88 -10.93 -17.27
C LYS A 77 1.01 -11.00 -16.01
N ARG A 78 0.51 -9.84 -15.55
CA ARG A 78 -0.33 -9.85 -14.34
C ARG A 78 -1.66 -10.51 -14.65
N GLU A 79 -2.30 -10.11 -15.75
CA GLU A 79 -3.56 -10.69 -16.16
C GLU A 79 -3.41 -12.21 -16.39
N ILE A 80 -2.36 -12.63 -17.12
CA ILE A 80 -2.11 -14.05 -17.37
C ILE A 80 -1.93 -14.81 -16.05
N LYS A 81 -1.08 -14.28 -15.14
CA LYS A 81 -0.81 -15.02 -13.91
C LYS A 81 -2.09 -15.17 -13.09
N ILE A 82 -2.89 -14.09 -13.01
CA ILE A 82 -4.13 -14.16 -12.25
C ILE A 82 -5.11 -15.17 -12.91
N LEU A 83 -5.23 -15.10 -14.24
CA LEU A 83 -6.13 -16.04 -14.92
C LEU A 83 -5.69 -17.48 -14.73
N GLU A 84 -4.34 -17.74 -14.75
CA GLU A 84 -3.89 -19.12 -14.56
C GLU A 84 -4.07 -19.56 -13.11
N ASN A 85 -3.82 -18.65 -12.15
CA ASN A 85 -4.02 -19.02 -10.74
C ASN A 85 -5.47 -19.33 -10.41
N LEU A 86 -6.40 -18.60 -11.06
CA LEU A 86 -7.81 -18.78 -10.72
C LEU A 86 -8.52 -19.82 -11.61
N ARG A 87 -7.83 -20.30 -12.64
CA ARG A 87 -8.43 -21.22 -13.60
C ARG A 87 -9.05 -22.43 -12.92
N GLY A 88 -10.29 -22.74 -13.31
CA GLY A 88 -11.00 -23.86 -12.68
C GLY A 88 -11.86 -23.48 -11.48
N GLY A 89 -11.70 -22.23 -10.99
CA GLY A 89 -12.48 -21.74 -9.86
C GLY A 89 -13.93 -21.50 -10.25
N PRO A 90 -14.86 -21.43 -9.27
CA PRO A 90 -16.28 -21.27 -9.63
C PRO A 90 -16.57 -19.96 -10.35
N ASN A 91 -17.23 -20.08 -11.51
CA ASN A 91 -17.68 -18.93 -12.33
C ASN A 91 -16.51 -18.02 -12.77
N ILE A 92 -15.30 -18.57 -12.82
CA ILE A 92 -14.13 -17.78 -13.30
C ILE A 92 -13.94 -18.11 -14.79
N ILE A 93 -13.76 -17.10 -15.63
CA ILE A 93 -13.57 -17.33 -17.09
C ILE A 93 -12.30 -18.18 -17.27
N THR A 94 -12.35 -19.16 -18.18
CA THR A 94 -11.20 -20.08 -18.40
C THR A 94 -10.30 -19.58 -19.53
N LEU A 95 -9.01 -19.39 -19.23
CA LEU A 95 -8.02 -18.98 -20.25
C LEU A 95 -7.58 -20.26 -20.96
N ALA A 96 -7.84 -20.36 -22.26
CA ALA A 96 -7.49 -21.59 -23.02
C ALA A 96 -6.11 -21.51 -23.69
N ASP A 97 -5.69 -20.31 -24.10
CA ASP A 97 -4.38 -20.19 -24.81
C ASP A 97 -3.92 -18.73 -24.78
N ILE A 98 -2.64 -18.52 -25.10
CA ILE A 98 -2.01 -17.21 -25.12
C ILE A 98 -1.16 -17.20 -26.38
N VAL A 99 -1.40 -16.26 -27.29
CA VAL A 99 -0.66 -16.23 -28.57
C VAL A 99 -0.13 -14.86 -28.89
N LYS A 100 0.79 -14.76 -29.85
CA LYS A 100 1.31 -13.43 -30.21
C LYS A 100 1.56 -13.39 -31.69
N ASP A 101 1.28 -12.25 -32.31
CA ASP A 101 1.56 -12.05 -33.74
C ASP A 101 3.09 -11.98 -33.89
N PRO A 102 3.74 -12.87 -34.68
CA PRO A 102 5.20 -12.76 -34.84
C PRO A 102 5.63 -11.45 -35.53
N VAL A 103 4.73 -10.86 -36.33
CA VAL A 103 5.03 -9.63 -37.07
C VAL A 103 4.89 -8.37 -36.16
N SER A 104 3.64 -8.03 -35.73
CA SER A 104 3.43 -6.82 -34.92
C SER A 104 3.80 -6.99 -33.44
N ARG A 105 3.98 -8.23 -33.00
CA ARG A 105 4.27 -8.62 -31.61
C ARG A 105 3.05 -8.37 -30.69
N THR A 106 1.86 -8.14 -31.29
CA THR A 106 0.63 -7.92 -30.53
C THR A 106 0.21 -9.26 -29.87
N PRO A 107 0.07 -9.28 -28.51
CA PRO A 107 -0.36 -10.51 -27.84
C PRO A 107 -1.88 -10.62 -27.76
N ALA A 108 -2.40 -11.84 -27.64
CA ALA A 108 -3.83 -12.09 -27.53
C ALA A 108 -4.09 -13.21 -26.53
N LEU A 109 -5.19 -13.06 -25.78
CA LEU A 109 -5.60 -14.10 -24.81
C LEU A 109 -6.76 -14.88 -25.45
N VAL A 110 -6.71 -16.21 -25.39
CA VAL A 110 -7.80 -17.04 -25.97
C VAL A 110 -8.59 -17.64 -24.81
N PHE A 111 -9.90 -17.38 -24.77
CA PHE A 111 -10.74 -17.87 -23.64
C PHE A 111 -11.75 -18.91 -24.12
N GLU A 112 -12.31 -19.61 -23.13
CA GLU A 112 -13.39 -20.60 -23.32
C GLU A 112 -14.59 -19.86 -23.91
N HIS A 113 -15.25 -20.46 -24.90
CA HIS A 113 -16.40 -19.77 -25.52
C HIS A 113 -17.47 -19.47 -24.46
N VAL A 114 -17.93 -18.22 -24.45
CA VAL A 114 -19.02 -17.75 -23.56
C VAL A 114 -20.02 -17.06 -24.49
N ASN A 115 -21.32 -17.20 -24.22
CA ASN A 115 -22.33 -16.53 -25.09
C ASN A 115 -22.08 -15.02 -24.98
N ASN A 116 -22.22 -14.27 -26.09
CA ASN A 116 -21.92 -12.82 -26.06
C ASN A 116 -23.10 -11.98 -25.52
N THR A 117 -23.45 -12.20 -24.25
CA THR A 117 -24.52 -11.47 -23.54
C THR A 117 -23.97 -11.08 -22.17
N ASP A 118 -23.89 -9.78 -21.87
CA ASP A 118 -23.38 -9.33 -20.54
C ASP A 118 -24.56 -9.22 -19.57
N PHE A 119 -24.26 -9.05 -18.29
CA PHE A 119 -25.27 -8.92 -17.21
C PHE A 119 -26.15 -7.69 -17.47
N LYS A 120 -25.56 -6.60 -17.95
CA LYS A 120 -26.25 -5.30 -18.17
C LYS A 120 -27.44 -5.48 -19.15
N GLN A 121 -27.28 -6.33 -20.16
CA GLN A 121 -28.37 -6.61 -21.17
C GLN A 121 -29.61 -7.24 -20.51
N LEU A 122 -29.45 -8.00 -19.42
CA LEU A 122 -30.61 -8.70 -18.78
C LEU A 122 -30.92 -8.20 -17.36
N TYR A 123 -29.91 -7.77 -16.60
CA TYR A 123 -30.09 -7.47 -15.16
C TYR A 123 -31.20 -6.46 -14.84
N GLN A 124 -31.71 -5.75 -15.83
CA GLN A 124 -32.84 -4.82 -15.65
C GLN A 124 -34.20 -5.47 -16.02
N THR A 125 -34.23 -6.79 -16.31
CA THR A 125 -35.46 -7.51 -16.70
C THR A 125 -35.74 -8.76 -15.84
N LEU A 126 -34.81 -9.13 -14.95
CA LEU A 126 -34.90 -10.36 -14.14
C LEU A 126 -35.99 -10.39 -13.09
N THR A 127 -36.41 -11.60 -12.67
CA THR A 127 -37.34 -11.72 -11.55
C THR A 127 -36.53 -11.57 -10.26
N ASP A 128 -37.22 -11.42 -9.14
CA ASP A 128 -36.65 -11.37 -7.80
C ASP A 128 -35.70 -12.58 -7.60
N TYR A 129 -36.19 -13.81 -7.87
CA TYR A 129 -35.37 -15.02 -7.74
C TYR A 129 -34.10 -14.96 -8.57
N ASP A 130 -34.20 -14.53 -9.84
CA ASP A 130 -33.05 -14.48 -10.72
C ASP A 130 -31.98 -13.50 -10.26
N ILE A 131 -32.40 -12.36 -9.66
CA ILE A 131 -31.42 -11.39 -9.13
C ILE A 131 -30.63 -12.09 -7.99
N ARG A 132 -31.35 -12.79 -7.10
CA ARG A 132 -30.68 -13.49 -6.00
C ARG A 132 -29.73 -14.58 -6.55
N PHE A 133 -30.23 -15.31 -7.55
CA PHE A 133 -29.46 -16.42 -8.12
C PHE A 133 -28.15 -15.92 -8.73
N TYR A 134 -28.23 -14.92 -9.62
CA TYR A 134 -27.02 -14.43 -10.27
C TYR A 134 -26.10 -13.71 -9.28
N MET A 135 -26.65 -12.99 -8.28
N MET A 135 -26.64 -13.00 -8.27
CA MET A 135 -25.81 -12.33 -7.27
CA MET A 135 -25.79 -12.36 -7.28
C MET A 135 -24.99 -13.43 -6.57
C MET A 135 -25.01 -13.41 -6.50
N TYR A 136 -25.64 -14.59 -6.22
CA TYR A 136 -24.96 -15.68 -5.52
C TYR A 136 -23.83 -16.27 -6.39
N GLU A 137 -24.10 -16.42 -7.71
CA GLU A 137 -23.07 -16.93 -8.60
C GLU A 137 -21.87 -15.97 -8.65
N ILE A 138 -22.13 -14.63 -8.68
CA ILE A 138 -20.99 -13.67 -8.67
C ILE A 138 -20.24 -13.80 -7.34
N LEU A 139 -20.98 -13.93 -6.22
CA LEU A 139 -20.33 -14.08 -4.91
C LEU A 139 -19.43 -15.30 -4.85
N LYS A 140 -19.83 -16.42 -5.52
CA LYS A 140 -18.96 -17.60 -5.51
C LYS A 140 -17.59 -17.26 -6.15
N ALA A 141 -17.63 -16.47 -7.25
CA ALA A 141 -16.40 -16.10 -7.95
C ALA A 141 -15.56 -15.15 -7.09
N LEU A 142 -16.22 -14.17 -6.43
CA LEU A 142 -15.46 -13.24 -5.59
C LEU A 142 -14.88 -13.89 -4.34
N ASP A 143 -15.68 -14.76 -3.68
CA ASP A 143 -15.08 -15.42 -2.51
C ASP A 143 -13.88 -16.28 -2.96
N TYR A 144 -14.01 -16.93 -4.13
CA TYR A 144 -12.89 -17.71 -4.61
C TYR A 144 -11.66 -16.83 -4.88
N CYS A 145 -11.82 -15.78 -5.69
CA CYS A 145 -10.61 -15.01 -6.02
C CYS A 145 -10.02 -14.35 -4.78
N HIS A 146 -10.90 -13.83 -3.87
CA HIS A 146 -10.37 -13.25 -2.63
C HIS A 146 -9.59 -14.29 -1.80
N SER A 147 -10.17 -15.51 -1.73
CA SER A 147 -9.50 -16.60 -0.96
C SER A 147 -8.15 -16.97 -1.60
N MET A 148 -7.98 -16.67 -2.91
CA MET A 148 -6.76 -16.89 -3.68
C MET A 148 -5.86 -15.65 -3.71
N GLY A 149 -6.15 -14.69 -2.82
CA GLY A 149 -5.28 -13.53 -2.65
C GLY A 149 -5.38 -12.49 -3.74
N ILE A 150 -6.53 -12.43 -4.45
CA ILE A 150 -6.65 -11.53 -5.60
C ILE A 150 -7.89 -10.68 -5.46
N MET A 151 -7.78 -9.38 -5.79
CA MET A 151 -8.90 -8.42 -5.82
C MET A 151 -9.19 -8.22 -7.33
N HIS A 152 -10.48 -8.25 -7.72
CA HIS A 152 -10.82 -8.09 -9.15
C HIS A 152 -10.64 -6.63 -9.58
N ARG A 153 -11.20 -5.71 -8.78
CA ARG A 153 -11.01 -4.23 -8.87
C ARG A 153 -11.73 -3.64 -10.10
N ASP A 154 -12.62 -4.39 -10.74
CA ASP A 154 -13.42 -3.84 -11.87
C ASP A 154 -14.75 -4.59 -11.96
N VAL A 155 -15.37 -4.84 -10.81
CA VAL A 155 -16.71 -5.51 -10.79
C VAL A 155 -17.75 -4.53 -11.34
N LYS A 156 -18.47 -4.95 -12.38
CA LYS A 156 -19.53 -4.13 -13.03
C LYS A 156 -20.32 -5.04 -13.98
N PRO A 157 -21.56 -4.69 -14.37
CA PRO A 157 -22.38 -5.52 -15.25
C PRO A 157 -21.65 -5.97 -16.52
N HIS A 158 -20.91 -5.07 -17.17
CA HIS A 158 -20.24 -5.45 -18.43
C HIS A 158 -19.20 -6.56 -18.23
N ASN A 159 -18.70 -6.73 -16.99
CA ASN A 159 -17.70 -7.75 -16.71
C ASN A 159 -18.27 -9.05 -16.19
N VAL A 160 -19.59 -9.19 -16.32
CA VAL A 160 -20.28 -10.45 -15.91
C VAL A 160 -20.97 -10.99 -17.17
N MET A 161 -20.51 -12.14 -17.68
CA MET A 161 -21.10 -12.74 -18.91
C MET A 161 -22.11 -13.81 -18.47
N ILE A 162 -23.35 -13.73 -18.97
CA ILE A 162 -24.40 -14.70 -18.56
C ILE A 162 -25.06 -15.35 -19.77
N ASP A 163 -25.14 -16.68 -19.73
CA ASP A 163 -25.88 -17.48 -20.69
C ASP A 163 -27.17 -17.76 -19.89
N HIS A 164 -28.16 -16.88 -20.05
CA HIS A 164 -29.41 -16.96 -19.28
C HIS A 164 -30.15 -18.26 -19.46
N GLU A 165 -30.19 -18.80 -20.69
CA GLU A 165 -30.87 -20.06 -20.95
C GLU A 165 -30.25 -21.21 -20.18
N HIS A 166 -28.92 -21.19 -20.02
CA HIS A 166 -28.21 -22.25 -19.32
C HIS A 166 -27.89 -21.87 -17.86
N ARG A 167 -28.40 -20.70 -17.39
CA ARG A 167 -28.27 -20.21 -16.00
C ARG A 167 -26.79 -20.26 -15.58
N LYS A 168 -25.93 -19.84 -16.50
CA LYS A 168 -24.48 -19.89 -16.34
C LYS A 168 -23.93 -18.47 -16.33
N LEU A 169 -22.96 -18.22 -15.45
CA LEU A 169 -22.37 -16.86 -15.29
C LEU A 169 -20.85 -16.97 -15.16
N ARG A 170 -20.12 -16.06 -15.81
CA ARG A 170 -18.63 -16.04 -15.73
C ARG A 170 -18.15 -14.62 -15.42
N LEU A 171 -17.24 -14.48 -14.45
CA LEU A 171 -16.63 -13.16 -14.13
C LEU A 171 -15.44 -13.00 -15.08
N ILE A 172 -15.45 -11.95 -15.90
CA ILE A 172 -14.44 -11.73 -16.91
C ILE A 172 -13.63 -10.46 -16.63
N ASP A 173 -12.71 -10.15 -17.56
CA ASP A 173 -11.85 -8.98 -17.61
C ASP A 173 -11.08 -8.76 -16.32
N TRP A 174 -10.09 -9.60 -16.17
CA TRP A 174 -9.19 -9.59 -15.03
C TRP A 174 -7.97 -8.67 -15.28
N GLY A 175 -8.09 -7.77 -16.27
CA GLY A 175 -6.98 -6.87 -16.64
C GLY A 175 -6.64 -5.84 -15.57
N LEU A 176 -7.56 -5.59 -14.63
CA LEU A 176 -7.30 -4.58 -13.57
C LEU A 176 -7.05 -5.30 -12.23
N ALA A 177 -7.06 -6.64 -12.25
CA ALA A 177 -6.97 -7.42 -11.00
C ALA A 177 -5.58 -7.33 -10.39
N GLU A 178 -5.45 -7.48 -9.06
CA GLU A 178 -4.13 -7.38 -8.45
C GLU A 178 -4.07 -8.35 -7.27
N PHE A 179 -2.85 -8.69 -6.87
CA PHE A 179 -2.63 -9.54 -5.70
C PHE A 179 -2.70 -8.68 -4.44
N TYR A 180 -3.41 -9.17 -3.40
CA TYR A 180 -3.49 -8.42 -2.16
C TYR A 180 -2.31 -8.79 -1.25
N HIS A 181 -1.60 -7.77 -0.76
CA HIS A 181 -0.47 -7.95 0.15
C HIS A 181 -0.73 -6.97 1.29
N PRO A 182 -0.84 -7.45 2.54
CA PRO A 182 -1.23 -6.55 3.65
C PRO A 182 -0.31 -5.38 3.84
N GLY A 183 -0.90 -4.18 3.92
CA GLY A 183 -0.16 -2.94 4.07
C GLY A 183 0.27 -2.28 2.78
N GLN A 184 0.04 -2.97 1.62
CA GLN A 184 0.42 -2.40 0.34
C GLN A 184 -0.46 -1.22 -0.04
N GLU A 185 0.14 -0.16 -0.55
CA GLU A 185 -0.60 0.99 -1.06
C GLU A 185 -0.80 0.77 -2.54
N TYR A 186 -2.06 0.76 -2.99
CA TYR A 186 -2.41 0.49 -4.37
C TYR A 186 -2.85 1.75 -5.12
N ASN A 187 -2.82 1.68 -6.44
CA ASN A 187 -3.27 2.75 -7.32
C ASN A 187 -4.80 2.84 -7.17
N VAL A 188 -5.33 4.06 -6.93
CA VAL A 188 -6.77 4.21 -6.78
C VAL A 188 -7.50 4.34 -8.12
N ARG A 189 -6.72 4.46 -9.20
CA ARG A 189 -7.29 4.59 -10.57
C ARG A 189 -7.66 3.21 -11.08
N VAL A 190 -8.65 2.62 -10.40
CA VAL A 190 -9.25 1.30 -10.73
C VAL A 190 -10.78 1.45 -10.63
N ALA A 191 -11.48 0.46 -11.16
CA ALA A 191 -12.93 0.33 -11.23
C ALA A 191 -13.54 1.48 -12.05
N SER A 192 -14.72 1.21 -12.62
N SER A 192 -14.72 1.21 -12.62
CA SER A 192 -15.43 2.23 -13.44
CA SER A 192 -15.44 2.22 -13.43
C SER A 192 -16.16 3.22 -12.52
C SER A 192 -16.16 3.22 -12.52
N ARG A 193 -16.45 4.42 -13.04
CA ARG A 193 -16.77 5.59 -12.18
C ARG A 193 -17.94 5.24 -11.25
N TYR A 194 -18.97 4.58 -11.79
CA TYR A 194 -20.23 4.31 -11.03
C TYR A 194 -20.04 3.21 -9.99
N PHE A 195 -18.98 2.40 -10.12
CA PHE A 195 -18.75 1.24 -9.23
C PHE A 195 -17.51 1.47 -8.36
N LYS A 196 -16.91 2.66 -8.45
CA LYS A 196 -15.79 3.02 -7.54
C LYS A 196 -16.34 3.11 -6.12
N GLY A 197 -15.82 2.26 -5.22
CA GLY A 197 -16.13 2.40 -3.78
C GLY A 197 -15.39 3.59 -3.22
N PRO A 198 -15.88 4.38 -2.05
CA PRO A 198 -15.47 5.65 -1.43
C PRO A 198 -13.97 5.72 -1.19
N GLU A 199 -13.35 4.58 -0.88
CA GLU A 199 -11.88 4.54 -0.63
C GLU A 199 -11.12 5.10 -1.84
N LEU A 200 -11.56 4.76 -3.06
CA LEU A 200 -10.88 5.25 -4.28
C LEU A 200 -11.13 6.76 -4.41
N LEU A 201 -12.36 7.20 -4.11
CA LEU A 201 -12.81 8.58 -4.41
C LEU A 201 -12.15 9.58 -3.43
N VAL A 202 -11.77 9.10 -2.24
CA VAL A 202 -11.06 9.93 -1.26
C VAL A 202 -9.51 9.68 -1.27
N ASP A 203 -9.02 8.90 -2.28
CA ASP A 203 -7.61 8.59 -2.45
C ASP A 203 -7.01 7.85 -1.24
N TYR A 204 -7.74 6.84 -0.76
CA TYR A 204 -7.27 5.95 0.31
C TYR A 204 -6.66 4.71 -0.37
N GLN A 205 -5.32 4.59 -0.32
CA GLN A 205 -4.61 3.58 -1.10
C GLN A 205 -4.51 2.19 -0.47
N MET A 206 -4.73 2.08 0.85
CA MET A 206 -4.51 0.81 1.49
C MET A 206 -5.78 -0.01 1.54
N TYR A 207 -6.41 -0.17 0.37
CA TYR A 207 -7.67 -0.88 0.26
C TYR A 207 -7.47 -2.39 0.06
N ASP A 208 -8.59 -3.15 -0.03
CA ASP A 208 -8.41 -4.59 -0.14
C ASP A 208 -9.62 -5.18 -0.88
N TYR A 209 -9.83 -6.51 -0.73
CA TYR A 209 -10.92 -7.22 -1.38
C TYR A 209 -12.26 -6.54 -1.20
N SER A 210 -12.46 -5.82 -0.05
CA SER A 210 -13.76 -5.19 0.22
C SER A 210 -14.16 -4.14 -0.83
N LEU A 211 -13.17 -3.69 -1.64
CA LEU A 211 -13.53 -2.79 -2.75
C LEU A 211 -14.55 -3.48 -3.70
N ASP A 212 -14.32 -4.79 -3.98
CA ASP A 212 -15.21 -5.52 -4.89
C ASP A 212 -16.62 -5.62 -4.34
N MET A 213 -16.75 -5.63 -2.99
CA MET A 213 -18.03 -5.72 -2.34
C MET A 213 -18.84 -4.44 -2.44
N TRP A 214 -18.15 -3.28 -2.45
CA TRP A 214 -18.87 -2.01 -2.70
C TRP A 214 -19.40 -2.07 -4.16
N SER A 215 -18.55 -2.46 -5.13
CA SER A 215 -18.98 -2.50 -6.52
C SER A 215 -20.17 -3.43 -6.71
N LEU A 216 -20.12 -4.59 -6.02
CA LEU A 216 -21.24 -5.55 -6.07
C LEU A 216 -22.54 -4.93 -5.52
N GLY A 217 -22.41 -4.16 -4.42
CA GLY A 217 -23.56 -3.46 -3.84
C GLY A 217 -24.16 -2.46 -4.81
N CYS A 218 -23.30 -1.79 -5.60
CA CYS A 218 -23.78 -0.81 -6.62
C CYS A 218 -24.61 -1.57 -7.68
N MET A 219 -24.15 -2.77 -8.06
CA MET A 219 -24.90 -3.58 -9.03
C MET A 219 -26.25 -4.01 -8.45
N LEU A 220 -26.27 -4.50 -7.18
CA LEU A 220 -27.50 -4.92 -6.54
C LEU A 220 -28.50 -3.77 -6.48
N ALA A 221 -28.02 -2.58 -6.04
CA ALA A 221 -28.93 -1.44 -5.93
C ALA A 221 -29.55 -1.10 -7.28
N SER A 222 -28.75 -1.14 -8.34
N SER A 222 -28.73 -1.13 -8.35
CA SER A 222 -29.28 -0.85 -9.69
CA SER A 222 -29.18 -0.83 -9.72
C SER A 222 -30.35 -1.87 -10.06
C SER A 222 -30.19 -1.85 -10.26
N MET A 223 -30.08 -3.17 -9.79
N MET A 223 -30.14 -3.10 -9.75
CA MET A 223 -31.00 -4.28 -10.10
CA MET A 223 -31.07 -4.14 -10.18
C MET A 223 -32.33 -4.24 -9.35
C MET A 223 -32.36 -4.11 -9.38
N ILE A 224 -32.29 -4.09 -8.03
CA ILE A 224 -33.52 -4.13 -7.22
C ILE A 224 -34.34 -2.84 -7.33
N PHE A 225 -33.67 -1.71 -7.63
CA PHE A 225 -34.39 -0.44 -7.75
C PHE A 225 -34.67 -0.05 -9.19
N ARG A 226 -34.12 -0.77 -10.17
CA ARG A 226 -34.29 -0.41 -11.59
C ARG A 226 -33.83 1.02 -11.84
N LYS A 227 -32.58 1.31 -11.39
CA LYS A 227 -31.98 2.64 -11.53
C LYS A 227 -30.54 2.43 -11.92
N GLU A 228 -30.23 2.69 -13.19
CA GLU A 228 -28.96 2.45 -13.85
C GLU A 228 -28.25 3.73 -14.29
N PRO A 229 -27.05 4.03 -13.73
CA PRO A 229 -26.41 3.40 -12.56
C PRO A 229 -27.09 3.90 -11.29
N PHE A 230 -26.83 3.23 -10.15
CA PHE A 230 -27.47 3.69 -8.93
C PHE A 230 -26.87 5.02 -8.47
N PHE A 231 -25.51 5.16 -8.47
CA PHE A 231 -24.85 6.41 -8.08
C PHE A 231 -24.32 6.97 -9.38
N HIS A 232 -25.02 8.00 -9.91
CA HIS A 232 -24.73 8.53 -11.24
C HIS A 232 -23.92 9.82 -11.20
N GLY A 233 -22.64 9.72 -10.91
CA GLY A 233 -21.74 10.86 -10.82
C GLY A 233 -21.24 11.29 -12.20
N HIS A 234 -20.89 12.58 -12.36
CA HIS A 234 -20.37 13.10 -13.64
C HIS A 234 -18.83 13.05 -13.73
N ASP A 235 -18.18 12.88 -12.59
CA ASP A 235 -16.73 12.77 -12.46
C ASP A 235 -16.46 12.12 -11.12
N ASN A 236 -15.19 11.89 -10.74
CA ASN A 236 -14.88 11.20 -9.47
C ASN A 236 -15.33 11.99 -8.24
N TYR A 237 -15.29 13.32 -8.32
CA TYR A 237 -15.71 14.13 -7.17
C TYR A 237 -17.21 14.06 -7.01
N ASP A 238 -17.95 14.31 -8.11
CA ASP A 238 -19.39 14.25 -8.08
C ASP A 238 -19.89 12.83 -7.70
N GLN A 239 -19.12 11.79 -8.07
CA GLN A 239 -19.51 10.41 -7.68
C GLN A 239 -19.60 10.33 -6.14
N LEU A 240 -18.63 10.91 -5.42
CA LEU A 240 -18.70 10.87 -3.94
C LEU A 240 -19.91 11.68 -3.43
N VAL A 241 -20.23 12.79 -4.11
CA VAL A 241 -21.40 13.58 -3.73
C VAL A 241 -22.69 12.76 -3.88
N ARG A 242 -22.82 12.00 -4.99
CA ARG A 242 -24.01 11.17 -5.22
C ARG A 242 -24.14 10.13 -4.09
N ILE A 243 -23.00 9.56 -3.67
CA ILE A 243 -23.02 8.56 -2.60
C ILE A 243 -23.42 9.25 -1.29
N ALA A 244 -22.84 10.45 -1.01
CA ALA A 244 -23.15 11.15 0.24
C ALA A 244 -24.62 11.58 0.34
N LYS A 245 -25.27 11.81 -0.80
CA LYS A 245 -26.72 12.14 -0.79
C LYS A 245 -27.59 10.97 -0.38
N VAL A 246 -27.02 9.75 -0.34
CA VAL A 246 -27.77 8.56 0.06
C VAL A 246 -27.30 8.08 1.43
N LEU A 247 -25.98 7.87 1.59
CA LEU A 247 -25.43 7.36 2.84
C LEU A 247 -25.31 8.43 3.92
N GLY A 248 -25.40 9.68 3.51
CA GLY A 248 -25.26 10.81 4.41
C GLY A 248 -23.81 11.23 4.64
N THR A 249 -23.59 12.47 5.08
CA THR A 249 -22.25 12.96 5.30
C THR A 249 -21.68 12.66 6.70
N GLU A 250 -22.54 12.43 7.72
CA GLU A 250 -22.03 12.16 9.06
C GLU A 250 -21.11 10.92 9.04
N ASP A 251 -21.58 9.84 8.40
CA ASP A 251 -20.76 8.61 8.36
C ASP A 251 -19.51 8.76 7.47
N LEU A 252 -19.56 9.69 6.50
CA LEU A 252 -18.41 9.94 5.64
C LEU A 252 -17.31 10.62 6.46
N TYR A 253 -17.66 11.65 7.22
CA TYR A 253 -16.66 12.32 8.02
C TYR A 253 -16.11 11.41 9.12
N ASP A 254 -16.94 10.49 9.65
CA ASP A 254 -16.48 9.51 10.65
C ASP A 254 -15.45 8.56 10.00
N TYR A 255 -15.70 8.19 8.73
CA TYR A 255 -14.80 7.31 7.98
C TYR A 255 -13.47 7.99 7.75
N ILE A 256 -13.52 9.24 7.24
CA ILE A 256 -12.31 10.03 6.96
C ILE A 256 -11.48 10.21 8.23
N ASP A 257 -12.15 10.47 9.37
CA ASP A 257 -11.45 10.64 10.64
C ASP A 257 -10.77 9.33 11.08
N LYS A 258 -11.51 8.20 11.00
CA LYS A 258 -10.99 6.89 11.42
C LYS A 258 -9.69 6.53 10.71
N TYR A 259 -9.60 6.78 9.39
CA TYR A 259 -8.40 6.41 8.63
C TYR A 259 -7.43 7.58 8.38
N ASN A 260 -7.70 8.73 9.03
CA ASN A 260 -6.91 9.96 8.91
C ASN A 260 -6.68 10.32 7.44
N ILE A 261 -7.76 10.27 6.65
CA ILE A 261 -7.71 10.59 5.22
C ILE A 261 -7.74 12.08 5.04
N GLU A 262 -6.91 12.57 4.13
CA GLU A 262 -6.88 13.98 3.77
C GLU A 262 -7.91 14.17 2.67
N LEU A 263 -9.00 14.82 3.02
CA LEU A 263 -10.08 15.05 2.03
C LEU A 263 -9.69 16.24 1.15
N ASP A 264 -9.58 15.95 -0.14
CA ASP A 264 -9.25 16.95 -1.15
C ASP A 264 -10.14 18.20 -0.94
N PRO A 265 -9.53 19.41 -0.81
CA PRO A 265 -10.33 20.64 -0.65
C PRO A 265 -11.37 20.92 -1.73
N ARG A 266 -11.27 20.27 -2.91
CA ARG A 266 -12.30 20.46 -3.94
C ARG A 266 -13.67 19.98 -3.46
N PHE A 267 -13.66 19.05 -2.47
CA PHE A 267 -14.94 18.56 -1.94
C PHE A 267 -15.66 19.59 -1.06
N ASN A 268 -14.93 20.64 -0.55
CA ASN A 268 -15.50 21.64 0.36
C ASN A 268 -16.76 22.34 -0.16
N ASP A 269 -16.79 22.78 -1.42
CA ASP A 269 -17.96 23.49 -1.94
C ASP A 269 -18.96 22.54 -2.61
N ILE A 270 -18.66 21.22 -2.67
CA ILE A 270 -19.58 20.36 -3.39
C ILE A 270 -20.23 19.28 -2.54
N LEU A 271 -19.61 18.82 -1.47
CA LEU A 271 -20.20 17.70 -0.69
C LEU A 271 -21.45 18.12 0.07
N GLY A 272 -21.43 19.32 0.65
CA GLY A 272 -22.53 19.77 1.49
C GLY A 272 -22.72 18.87 2.71
N ARG A 273 -23.94 18.90 3.26
CA ARG A 273 -24.29 18.11 4.43
C ARG A 273 -25.61 17.47 4.17
N HIS A 274 -25.65 16.14 4.35
CA HIS A 274 -26.84 15.36 3.95
C HIS A 274 -27.20 14.33 4.98
N SER A 275 -28.52 14.10 5.17
CA SER A 275 -28.96 13.02 6.05
C SER A 275 -28.75 11.69 5.35
N ARG A 276 -28.76 10.60 6.13
CA ARG A 276 -28.70 9.23 5.61
C ARG A 276 -30.13 8.92 5.19
N LYS A 277 -30.34 8.56 3.91
CA LYS A 277 -31.68 8.26 3.39
C LYS A 277 -32.03 6.81 3.66
N ARG A 278 -33.30 6.53 4.00
CA ARG A 278 -33.70 5.15 4.24
C ARG A 278 -33.78 4.43 2.88
N TRP A 279 -33.33 3.16 2.81
CA TRP A 279 -33.38 2.45 1.51
C TRP A 279 -34.77 2.35 0.91
N GLU A 280 -35.82 2.38 1.79
CA GLU A 280 -37.22 2.31 1.33
C GLU A 280 -37.61 3.50 0.45
N ARG A 281 -36.88 4.62 0.54
N ARG A 281 -36.90 4.63 0.54
CA ARG A 281 -37.13 5.82 -0.27
CA ARG A 281 -37.19 5.80 -0.29
C ARG A 281 -36.94 5.57 -1.77
C ARG A 281 -36.97 5.55 -1.79
N PHE A 282 -36.20 4.50 -2.14
CA PHE A 282 -35.94 4.16 -3.54
C PHE A 282 -36.96 3.19 -4.11
N VAL A 283 -37.86 2.69 -3.25
CA VAL A 283 -38.90 1.74 -3.67
C VAL A 283 -40.07 2.50 -4.31
N HIS A 284 -40.56 2.00 -5.45
CA HIS A 284 -41.73 2.58 -6.12
C HIS A 284 -42.55 1.47 -6.77
N SER A 285 -43.71 1.80 -7.38
CA SER A 285 -44.58 0.78 -7.97
C SER A 285 -43.91 -0.11 -9.05
N GLU A 286 -42.88 0.41 -9.77
CA GLU A 286 -42.22 -0.33 -10.85
C GLU A 286 -41.09 -1.28 -10.39
N ASN A 287 -40.64 -1.15 -9.14
CA ASN A 287 -39.56 -2.01 -8.64
C ASN A 287 -39.91 -2.78 -7.37
N GLN A 288 -41.08 -2.48 -6.74
N GLN A 288 -41.09 -2.49 -6.74
CA GLN A 288 -41.47 -3.08 -5.45
CA GLN A 288 -41.53 -3.09 -5.47
C GLN A 288 -41.43 -4.62 -5.43
C GLN A 288 -41.43 -4.62 -5.44
N HIS A 289 -41.67 -5.27 -6.59
CA HIS A 289 -41.65 -6.74 -6.69
C HIS A 289 -40.24 -7.35 -6.56
N LEU A 290 -39.19 -6.51 -6.65
CA LEU A 290 -37.79 -6.95 -6.54
C LEU A 290 -37.24 -6.65 -5.17
N VAL A 291 -38.00 -5.90 -4.38
CA VAL A 291 -37.57 -5.45 -3.08
C VAL A 291 -38.23 -6.24 -1.96
N SER A 292 -37.46 -6.58 -0.95
CA SER A 292 -37.89 -7.30 0.23
C SER A 292 -37.11 -6.77 1.43
N PRO A 293 -37.55 -7.01 2.67
CA PRO A 293 -36.74 -6.59 3.83
C PRO A 293 -35.34 -7.21 3.78
N GLU A 294 -35.23 -8.50 3.35
CA GLU A 294 -33.93 -9.17 3.24
C GLU A 294 -33.04 -8.49 2.19
N ALA A 295 -33.59 -8.08 1.02
CA ALA A 295 -32.78 -7.38 -0.01
C ALA A 295 -32.23 -6.07 0.55
N LEU A 296 -33.07 -5.31 1.26
CA LEU A 296 -32.64 -4.03 1.84
C LEU A 296 -31.63 -4.21 2.93
N ASP A 297 -31.80 -5.23 3.78
CA ASP A 297 -30.86 -5.48 4.87
C ASP A 297 -29.49 -5.87 4.27
N PHE A 298 -29.51 -6.70 3.22
CA PHE A 298 -28.28 -7.13 2.56
C PHE A 298 -27.60 -5.95 1.89
N LEU A 299 -28.38 -5.14 1.13
CA LEU A 299 -27.80 -3.99 0.44
C LEU A 299 -27.16 -3.01 1.45
N ASP A 300 -27.86 -2.77 2.58
CA ASP A 300 -27.36 -1.86 3.61
C ASP A 300 -25.98 -2.31 4.15
N LYS A 301 -25.76 -3.62 4.17
CA LYS A 301 -24.52 -4.18 4.74
C LYS A 301 -23.37 -4.27 3.73
N LEU A 302 -23.67 -3.99 2.45
CA LEU A 302 -22.63 -3.89 1.43
C LEU A 302 -22.22 -2.44 1.26
N LEU A 303 -23.21 -1.53 1.11
CA LEU A 303 -22.92 -0.14 0.80
C LEU A 303 -22.64 0.66 2.07
N ARG A 304 -21.42 0.48 2.60
CA ARG A 304 -20.95 1.22 3.79
C ARG A 304 -19.66 1.94 3.39
N TYR A 305 -19.46 3.17 3.89
CA TYR A 305 -18.22 3.86 3.59
C TYR A 305 -17.02 3.06 4.09
N ASP A 306 -17.10 2.60 5.35
CA ASP A 306 -15.98 1.91 5.96
C ASP A 306 -15.80 0.55 5.34
N HIS A 307 -14.76 0.42 4.53
CA HIS A 307 -14.47 -0.83 3.82
C HIS A 307 -14.40 -2.04 4.74
N GLN A 308 -13.91 -1.86 5.98
N GLN A 308 -13.88 -1.81 5.97
CA GLN A 308 -13.83 -3.04 6.88
CA GLN A 308 -13.72 -2.85 6.98
C GLN A 308 -15.22 -3.46 7.37
C GLN A 308 -15.08 -3.37 7.48
N SER A 309 -16.17 -2.52 7.36
N SER A 309 -16.16 -2.57 7.37
CA SER A 309 -17.51 -2.76 7.84
CA SER A 309 -17.45 -2.96 7.92
C SER A 309 -18.44 -3.51 6.88
C SER A 309 -18.33 -3.72 6.93
N ARG A 310 -18.03 -3.62 5.62
CA ARG A 310 -18.85 -4.29 4.61
C ARG A 310 -18.80 -5.80 4.80
N LEU A 311 -19.87 -6.47 4.40
CA LEU A 311 -19.85 -7.93 4.39
C LEU A 311 -18.74 -8.41 3.47
N THR A 312 -18.10 -9.52 3.83
CA THR A 312 -17.16 -10.16 2.90
C THR A 312 -18.01 -10.99 1.93
N ALA A 313 -17.39 -11.56 0.87
CA ALA A 313 -18.19 -12.35 -0.07
C ALA A 313 -18.80 -13.58 0.61
N ARG A 314 -18.02 -14.26 1.47
CA ARG A 314 -18.57 -15.47 2.16
C ARG A 314 -19.65 -15.06 3.15
N GLU A 315 -19.48 -13.94 3.90
CA GLU A 315 -20.56 -13.51 4.83
C GLU A 315 -21.82 -13.18 4.01
N ALA A 316 -21.63 -12.54 2.84
CA ALA A 316 -22.77 -12.19 1.98
C ALA A 316 -23.51 -13.48 1.55
N MET A 317 -22.76 -14.54 1.19
CA MET A 317 -23.35 -15.82 0.77
C MET A 317 -24.24 -16.44 1.87
N GLU A 318 -23.96 -16.11 3.12
CA GLU A 318 -24.69 -16.62 4.29
C GLU A 318 -25.92 -15.78 4.63
N HIS A 319 -26.13 -14.61 3.95
CA HIS A 319 -27.26 -13.76 4.26
C HIS A 319 -28.61 -14.41 3.91
N PRO A 320 -29.67 -14.14 4.74
CA PRO A 320 -31.02 -14.68 4.42
C PRO A 320 -31.59 -14.36 3.03
N TYR A 321 -31.11 -13.28 2.37
CA TYR A 321 -31.55 -12.93 1.02
C TYR A 321 -31.30 -14.10 0.07
N PHE A 322 -30.30 -14.94 0.35
CA PHE A 322 -30.02 -16.07 -0.53
C PHE A 322 -30.64 -17.41 -0.11
N TYR A 323 -31.45 -17.42 0.94
CA TYR A 323 -32.05 -18.71 1.38
C TYR A 323 -32.88 -19.40 0.31
N THR A 324 -33.54 -18.65 -0.57
N THR A 324 -33.50 -18.60 -0.59
CA THR A 324 -34.37 -19.27 -1.60
CA THR A 324 -34.35 -19.03 -1.71
C THR A 324 -33.53 -19.83 -2.78
C THR A 324 -33.55 -19.72 -2.82
N VAL A 325 -32.24 -19.44 -2.91
CA VAL A 325 -31.38 -19.94 -3.98
C VAL A 325 -31.07 -21.42 -3.79
N VAL A 326 -31.32 -22.22 -4.85
CA VAL A 326 -31.01 -23.66 -4.85
C VAL A 326 -29.49 -23.80 -4.93
N LYS A 327 -28.87 -24.26 -3.83
CA LYS A 327 -27.41 -24.42 -3.71
C LYS A 327 -27.05 -25.89 -3.82
N GLY B 1 27.31 -20.63 17.97
CA GLY B 1 26.38 -19.55 17.69
C GLY B 1 26.94 -18.43 16.81
N PRO B 2 26.21 -17.30 16.63
CA PRO B 2 26.73 -16.21 15.79
C PRO B 2 28.02 -15.56 16.34
N VAL B 3 28.85 -15.07 15.43
CA VAL B 3 30.11 -14.39 15.74
C VAL B 3 29.80 -12.97 16.26
N PRO B 4 30.44 -12.50 17.37
CA PRO B 4 30.16 -11.13 17.85
C PRO B 4 30.66 -10.04 16.89
N SER B 5 30.14 -8.80 17.06
CA SER B 5 30.46 -7.65 16.22
C SER B 5 30.42 -6.42 17.13
N ARG B 6 31.18 -5.37 16.75
CA ARG B 6 31.23 -4.09 17.44
C ARG B 6 31.18 -2.98 16.42
N ALA B 7 30.55 -1.83 16.77
CA ALA B 7 30.58 -0.67 15.88
C ALA B 7 32.03 -0.25 15.63
N ARG B 8 32.35 0.19 14.38
CA ARG B 8 33.71 0.66 14.07
C ARG B 8 33.96 2.01 14.71
N VAL B 9 32.89 2.78 14.99
CA VAL B 9 33.01 4.14 15.52
C VAL B 9 32.09 4.32 16.71
N TYR B 10 32.39 5.30 17.58
CA TYR B 10 31.59 5.66 18.73
C TYR B 10 31.26 4.40 19.54
N THR B 11 32.22 3.46 19.59
CA THR B 11 31.98 2.16 20.18
C THR B 11 31.62 2.20 21.64
N ASP B 12 32.45 2.91 22.44
CA ASP B 12 32.32 2.91 23.86
C ASP B 12 31.80 4.24 24.44
N VAL B 13 31.12 5.05 23.63
CA VAL B 13 30.59 6.33 24.12
C VAL B 13 29.74 6.20 25.39
N ASN B 14 28.80 5.23 25.43
CA ASN B 14 27.95 5.09 26.60
C ASN B 14 28.66 4.55 27.84
N THR B 15 29.70 3.73 27.64
CA THR B 15 30.44 3.16 28.79
C THR B 15 31.08 4.32 29.58
N HIS B 16 31.46 5.38 28.89
CA HIS B 16 32.13 6.52 29.50
C HIS B 16 31.21 7.69 29.85
N ARG B 17 29.96 7.40 30.07
CA ARG B 17 29.01 8.42 30.45
C ARG B 17 28.61 8.14 31.87
N PRO B 18 28.06 9.13 32.60
CA PRO B 18 27.43 8.79 33.86
C PRO B 18 26.32 7.82 33.49
N SER B 19 26.10 6.81 34.34
N SER B 19 26.10 6.85 34.37
CA SER B 19 25.09 5.81 34.04
CA SER B 19 25.08 5.83 34.19
C SER B 19 23.68 6.43 33.86
C SER B 19 23.71 6.44 33.89
N GLU B 20 23.39 7.61 34.51
CA GLU B 20 22.13 8.33 34.32
C GLU B 20 21.87 8.71 32.83
N TYR B 21 22.95 8.87 32.03
CA TYR B 21 22.82 9.22 30.60
C TYR B 21 22.00 8.17 29.84
N TRP B 22 22.34 6.88 30.04
CA TRP B 22 21.71 5.78 29.30
C TRP B 22 20.73 4.91 30.06
N ASP B 23 20.74 5.03 31.42
CA ASP B 23 19.91 4.17 32.25
C ASP B 23 18.54 4.81 32.36
N TYR B 24 17.81 4.78 31.23
CA TYR B 24 16.51 5.42 31.14
C TYR B 24 15.44 4.85 32.07
N GLU B 25 15.54 3.56 32.50
CA GLU B 25 14.54 2.98 33.41
C GLU B 25 14.54 3.73 34.76
N SER B 26 15.69 4.33 35.12
CA SER B 26 15.85 5.10 36.37
C SER B 26 15.49 6.57 36.22
N HIS B 27 15.20 7.02 34.98
CA HIS B 27 14.91 8.44 34.72
C HIS B 27 13.68 8.91 35.45
N VAL B 28 13.77 10.10 36.08
CA VAL B 28 12.62 10.69 36.77
C VAL B 28 12.06 11.72 35.79
N VAL B 29 10.87 11.45 35.24
CA VAL B 29 10.25 12.35 34.27
C VAL B 29 9.83 13.66 34.96
N GLU B 30 10.15 14.79 34.33
CA GLU B 30 9.76 16.13 34.79
C GLU B 30 8.47 16.46 34.03
N TRP B 31 7.32 16.41 34.72
CA TRP B 31 6.00 16.63 34.11
C TRP B 31 5.60 18.09 34.15
N GLY B 32 5.08 18.58 33.02
CA GLY B 32 4.60 19.94 32.92
C GLY B 32 3.12 19.99 33.24
N ASN B 33 2.44 21.08 32.84
CA ASN B 33 1.02 21.27 33.07
C ASN B 33 0.21 20.97 31.81
N GLN B 34 -0.58 19.87 31.80
CA GLN B 34 -1.37 19.51 30.62
C GLN B 34 -2.26 20.66 30.10
N ASP B 35 -2.89 21.40 31.03
CA ASP B 35 -3.80 22.51 30.69
C ASP B 35 -3.14 23.67 29.94
N ASP B 36 -1.79 23.66 29.81
CA ASP B 36 -1.11 24.68 28.99
C ASP B 36 -1.35 24.40 27.48
N TYR B 37 -1.79 23.17 27.11
CA TYR B 37 -1.94 22.77 25.71
C TYR B 37 -3.32 22.38 25.31
N GLN B 38 -3.70 22.78 24.09
CA GLN B 38 -4.99 22.45 23.49
C GLN B 38 -4.82 21.95 22.08
N LEU B 39 -5.57 20.90 21.73
CA LEU B 39 -5.51 20.26 20.41
C LEU B 39 -6.19 21.10 19.35
N VAL B 40 -5.59 21.14 18.15
CA VAL B 40 -6.17 21.92 17.02
C VAL B 40 -6.69 20.93 15.98
N ARG B 41 -5.82 20.08 15.43
CA ARG B 41 -6.30 19.07 14.45
C ARG B 41 -5.43 17.82 14.51
N LYS B 42 -6.02 16.65 14.24
CA LYS B 42 -5.27 15.38 14.23
C LYS B 42 -4.37 15.39 12.99
N LEU B 43 -3.09 15.01 13.13
CA LEU B 43 -2.17 14.98 11.97
C LEU B 43 -1.93 13.53 11.52
N GLY B 44 -2.09 12.57 12.44
CA GLY B 44 -1.85 11.16 12.09
C GLY B 44 -1.86 10.25 13.30
N ARG B 45 -1.87 8.93 13.04
CA ARG B 45 -1.94 7.91 14.08
C ARG B 45 -0.92 6.80 13.80
N GLY B 46 0.13 6.74 14.63
CA GLY B 46 1.16 5.73 14.57
C GLY B 46 0.68 4.43 15.17
N LYS B 47 1.56 3.43 15.24
CA LYS B 47 1.23 2.11 15.82
C LYS B 47 0.82 2.21 17.28
N TYR B 48 1.59 2.98 18.08
CA TYR B 48 1.30 3.19 19.50
C TYR B 48 1.33 4.70 19.88
N SER B 49 0.88 5.56 18.96
CA SER B 49 0.81 7.01 19.19
C SER B 49 -0.23 7.71 18.30
N GLU B 50 -0.62 8.92 18.72
CA GLU B 50 -1.54 9.79 17.98
C GLU B 50 -0.92 11.18 17.98
N VAL B 51 -0.80 11.79 16.79
CA VAL B 51 -0.14 13.10 16.65
C VAL B 51 -1.12 14.19 16.29
N PHE B 52 -1.00 15.34 16.97
CA PHE B 52 -1.86 16.51 16.80
C PHE B 52 -1.11 17.82 16.65
N GLU B 53 -1.66 18.70 15.81
CA GLU B 53 -1.28 20.08 15.73
C GLU B 53 -1.96 20.61 17.00
N ALA B 54 -1.25 21.43 17.74
CA ALA B 54 -1.75 21.97 19.01
C ALA B 54 -1.26 23.36 19.25
N ILE B 55 -1.72 23.95 20.34
CA ILE B 55 -1.31 25.34 20.67
C ILE B 55 -1.04 25.45 22.18
N ASN B 56 -0.02 26.22 22.54
CA ASN B 56 0.27 26.48 23.97
C ASN B 56 -0.49 27.78 24.29
N ILE B 57 -1.54 27.68 25.10
CA ILE B 57 -2.41 28.86 25.41
C ILE B 57 -1.66 29.93 26.20
N THR B 58 -0.65 29.56 26.99
CA THR B 58 0.10 30.54 27.82
C THR B 58 0.80 31.58 26.96
N ASN B 59 1.45 31.18 25.86
CA ASN B 59 2.21 32.15 25.02
C ASN B 59 1.70 32.25 23.58
N ASN B 60 0.69 31.44 23.21
CA ASN B 60 0.06 31.38 21.85
C ASN B 60 0.97 30.67 20.82
N GLU B 61 2.02 30.01 21.32
CA GLU B 61 2.99 29.29 20.45
C GLU B 61 2.36 28.02 19.87
N LYS B 62 2.56 27.77 18.58
CA LYS B 62 2.05 26.53 17.93
C LYS B 62 3.01 25.40 18.31
N VAL B 63 2.48 24.22 18.63
CA VAL B 63 3.35 23.07 19.01
C VAL B 63 2.76 21.79 18.40
N VAL B 64 3.45 20.68 18.58
CA VAL B 64 2.95 19.35 18.09
C VAL B 64 2.84 18.45 19.32
N VAL B 65 1.67 17.83 19.50
CA VAL B 65 1.45 16.93 20.63
C VAL B 65 1.40 15.49 20.12
N LYS B 66 2.21 14.62 20.73
CA LYS B 66 2.22 13.21 20.42
C LYS B 66 1.72 12.46 21.66
N ILE B 67 0.52 11.90 21.57
CA ILE B 67 -0.10 11.16 22.65
C ILE B 67 0.38 9.72 22.53
N LEU B 68 0.93 9.18 23.62
CA LEU B 68 1.46 7.83 23.60
C LEU B 68 0.52 6.79 24.16
N LYS B 69 0.17 5.82 23.31
CA LYS B 69 -0.69 4.67 23.61
C LYS B 69 0.07 3.63 24.46
N PRO B 70 -0.63 2.65 25.12
CA PRO B 70 0.04 1.74 26.05
C PRO B 70 1.41 1.10 25.72
N VAL B 71 1.59 0.31 24.62
CA VAL B 71 2.88 -0.38 24.42
C VAL B 71 4.03 0.64 24.20
N LYS B 72 3.72 1.82 23.65
CA LYS B 72 4.69 2.89 23.49
C LYS B 72 4.93 3.59 24.84
N LYS B 73 3.86 3.94 25.58
CA LYS B 73 3.99 4.61 26.88
C LYS B 73 4.86 3.80 27.87
N LYS B 74 4.94 2.45 27.71
CA LYS B 74 5.76 1.57 28.54
C LYS B 74 7.25 1.87 28.37
N LYS B 75 7.65 2.25 27.12
CA LYS B 75 9.03 2.61 26.73
C LYS B 75 9.16 4.14 26.58
N ILE B 76 8.24 4.88 27.23
CA ILE B 76 8.25 6.34 27.19
C ILE B 76 9.52 6.89 27.75
N LYS B 77 10.04 6.32 28.87
CA LYS B 77 11.26 6.83 29.48
C LYS B 77 12.44 6.77 28.51
N ARG B 78 12.48 5.75 27.65
CA ARG B 78 13.57 5.61 26.67
C ARG B 78 13.48 6.77 25.67
N GLU B 79 12.29 6.96 25.08
CA GLU B 79 12.10 8.03 24.09
C GLU B 79 12.39 9.41 24.73
N ILE B 80 11.89 9.65 25.96
CA ILE B 80 12.15 10.92 26.64
C ILE B 80 13.65 11.12 26.87
N LYS B 81 14.34 10.08 27.41
CA LYS B 81 15.75 10.24 27.69
C LYS B 81 16.55 10.53 26.43
N ILE B 82 16.23 9.81 25.33
CA ILE B 82 16.92 10.01 24.07
C ILE B 82 16.65 11.43 23.54
N LEU B 83 15.39 11.84 23.58
CA LEU B 83 15.05 13.21 23.10
C LEU B 83 15.76 14.28 23.94
N GLU B 84 15.86 14.08 25.29
CA GLU B 84 16.53 15.09 26.12
C GLU B 84 18.05 15.07 25.90
N ASN B 85 18.64 13.87 25.72
CA ASN B 85 20.08 13.78 25.45
C ASN B 85 20.46 14.43 24.13
N LEU B 86 19.55 14.30 23.11
CA LEU B 86 19.89 14.83 21.78
C LEU B 86 19.45 16.26 21.56
N ARG B 87 18.69 16.80 22.50
CA ARG B 87 18.07 18.12 22.34
C ARG B 87 19.10 19.17 22.00
N GLY B 88 18.82 19.95 20.96
CA GLY B 88 19.74 20.99 20.52
C GLY B 88 20.72 20.55 19.44
N GLY B 89 20.79 19.24 19.17
CA GLY B 89 21.64 18.70 18.14
C GLY B 89 21.17 19.08 16.73
N PRO B 90 22.05 19.02 15.72
CA PRO B 90 21.65 19.44 14.36
C PRO B 90 20.50 18.60 13.78
N ASN B 91 19.44 19.27 13.36
CA ASN B 91 18.31 18.65 12.71
C ASN B 91 17.58 17.61 13.56
N ILE B 92 17.73 17.67 14.89
CA ILE B 92 16.99 16.77 15.79
C ILE B 92 15.73 17.53 16.23
N ILE B 93 14.54 16.88 16.13
CA ILE B 93 13.32 17.49 16.67
C ILE B 93 13.53 17.89 18.16
N THR B 94 12.95 19.03 18.57
CA THR B 94 13.11 19.53 19.94
C THR B 94 11.90 19.20 20.81
N LEU B 95 12.13 18.45 21.89
CA LEU B 95 11.10 18.15 22.88
C LEU B 95 10.97 19.42 23.77
N ALA B 96 9.77 19.99 23.81
CA ALA B 96 9.48 21.19 24.58
C ALA B 96 8.85 20.88 25.94
N ASP B 97 8.02 19.83 26.04
CA ASP B 97 7.35 19.50 27.30
C ASP B 97 6.91 18.08 27.33
N ILE B 98 6.50 17.61 28.51
CA ILE B 98 6.04 16.26 28.74
C ILE B 98 4.88 16.39 29.70
N VAL B 99 3.70 15.92 29.31
CA VAL B 99 2.51 16.06 30.18
C VAL B 99 1.75 14.76 30.31
N LYS B 100 0.83 14.67 31.29
CA LYS B 100 0.07 13.42 31.44
C LYS B 100 -1.36 13.79 31.84
N ASP B 101 -2.30 13.05 31.33
CA ASP B 101 -3.72 13.20 31.69
C ASP B 101 -3.86 12.70 33.16
N PRO B 102 -4.29 13.55 34.12
CA PRO B 102 -4.46 13.05 35.50
C PRO B 102 -5.52 11.95 35.60
N VAL B 103 -6.50 11.94 34.70
CA VAL B 103 -7.58 10.95 34.71
C VAL B 103 -7.18 9.59 34.09
N SER B 104 -6.90 9.55 32.75
CA SER B 104 -6.56 8.29 32.08
C SER B 104 -5.11 7.86 32.29
N ARG B 105 -4.26 8.79 32.79
CA ARG B 105 -2.82 8.61 33.01
C ARG B 105 -2.05 8.49 31.67
N THR B 106 -2.72 8.86 30.55
CA THR B 106 -2.10 8.82 29.23
C THR B 106 -1.03 9.95 29.14
N PRO B 107 0.24 9.59 28.83
CA PRO B 107 1.27 10.61 28.71
C PRO B 107 1.36 11.15 27.27
N ALA B 108 1.88 12.36 27.13
CA ALA B 108 2.03 13.02 25.82
C ALA B 108 3.34 13.80 25.77
N LEU B 109 3.98 13.79 24.59
CA LEU B 109 5.19 14.56 24.37
C LEU B 109 4.79 15.82 23.58
N VAL B 110 5.37 16.95 23.96
CA VAL B 110 5.09 18.25 23.28
C VAL B 110 6.37 18.69 22.57
N PHE B 111 6.30 18.83 21.25
CA PHE B 111 7.50 19.22 20.47
C PHE B 111 7.33 20.64 19.93
N GLU B 112 8.47 21.29 19.63
CA GLU B 112 8.44 22.64 19.01
C GLU B 112 7.87 22.48 17.60
N HIS B 113 7.11 23.49 17.15
CA HIS B 113 6.42 23.43 15.83
C HIS B 113 7.34 22.97 14.70
N VAL B 114 6.84 22.03 13.89
CA VAL B 114 7.55 21.50 12.69
C VAL B 114 6.53 21.56 11.55
N ASN B 115 6.99 21.84 10.33
CA ASN B 115 6.12 21.87 9.12
C ASN B 115 5.44 20.51 8.98
N ASN B 116 4.13 20.48 8.69
CA ASN B 116 3.41 19.17 8.57
C ASN B 116 3.60 18.58 7.16
N THR B 117 4.82 18.59 6.63
CA THR B 117 5.10 17.98 5.31
C THR B 117 6.26 17.03 5.54
N ASP B 118 6.06 15.74 5.27
CA ASP B 118 7.18 14.78 5.47
C ASP B 118 7.99 14.71 4.18
N PHE B 119 9.16 14.08 4.26
CA PHE B 119 10.13 13.93 3.14
C PHE B 119 9.52 13.10 1.99
N LYS B 120 8.63 12.16 2.30
CA LYS B 120 7.99 11.29 1.27
C LYS B 120 7.20 12.13 0.26
N GLN B 121 6.57 13.22 0.70
CA GLN B 121 5.79 14.12 -0.19
C GLN B 121 6.68 14.89 -1.19
N LEU B 122 7.98 15.07 -0.89
CA LEU B 122 8.85 15.90 -1.74
C LEU B 122 10.03 15.14 -2.36
N TYR B 123 10.49 14.04 -1.77
CA TYR B 123 11.74 13.46 -2.23
C TYR B 123 11.75 12.86 -3.65
N GLN B 124 10.57 12.60 -4.27
CA GLN B 124 10.53 12.09 -5.65
C GLN B 124 10.45 13.23 -6.68
N THR B 125 10.54 14.50 -6.21
CA THR B 125 10.48 15.70 -7.08
C THR B 125 11.75 16.56 -6.97
N LEU B 126 12.72 16.14 -6.16
CA LEU B 126 13.94 16.88 -5.97
C LEU B 126 14.86 16.82 -7.16
N THR B 127 15.61 17.91 -7.37
CA THR B 127 16.64 17.92 -8.41
C THR B 127 17.96 17.48 -7.75
N ASP B 128 18.97 17.17 -8.58
CA ASP B 128 20.29 16.65 -8.15
C ASP B 128 20.86 17.32 -6.92
N TYR B 129 21.08 18.64 -6.93
CA TYR B 129 21.76 19.28 -5.81
C TYR B 129 20.89 19.40 -4.57
N ASP B 130 19.56 19.27 -4.72
CA ASP B 130 18.68 19.29 -3.53
C ASP B 130 18.71 17.90 -2.88
N ILE B 131 18.80 16.81 -3.70
CA ILE B 131 18.96 15.47 -3.09
C ILE B 131 20.26 15.50 -2.28
N ARG B 132 21.35 16.02 -2.88
CA ARG B 132 22.60 16.09 -2.11
C ARG B 132 22.48 16.89 -0.79
N PHE B 133 21.87 18.07 -0.88
CA PHE B 133 21.71 18.94 0.24
C PHE B 133 20.92 18.25 1.38
N TYR B 134 19.72 17.68 1.04
CA TYR B 134 18.90 17.08 2.10
C TYR B 134 19.54 15.80 2.66
N MET B 135 20.26 15.03 1.82
N MET B 135 20.26 15.02 1.82
CA MET B 135 20.98 13.84 2.28
CA MET B 135 20.97 13.82 2.33
C MET B 135 21.99 14.29 3.34
C MET B 135 22.00 14.29 3.36
N TYR B 136 22.71 15.41 3.08
CA TYR B 136 23.70 15.92 4.03
C TYR B 136 23.05 16.36 5.34
N GLU B 137 21.86 17.02 5.27
CA GLU B 137 21.17 17.45 6.46
C GLU B 137 20.77 16.23 7.32
N ILE B 138 20.31 15.15 6.65
CA ILE B 138 19.98 13.92 7.41
C ILE B 138 21.26 13.34 8.04
N LEU B 139 22.38 13.32 7.27
CA LEU B 139 23.65 12.84 7.82
C LEU B 139 24.10 13.62 9.05
N LYS B 140 23.86 14.95 9.07
CA LYS B 140 24.26 15.73 10.27
C LYS B 140 23.54 15.17 11.51
N ALA B 141 22.22 14.85 11.36
CA ALA B 141 21.44 14.34 12.48
C ALA B 141 21.96 12.94 12.87
N LEU B 142 22.27 12.08 11.86
CA LEU B 142 22.75 10.71 12.19
C LEU B 142 24.12 10.73 12.82
N ASP B 143 25.05 11.54 12.27
CA ASP B 143 26.37 11.56 12.91
C ASP B 143 26.26 12.06 14.32
N TYR B 144 25.39 13.08 14.54
CA TYR B 144 25.20 13.57 15.88
C TYR B 144 24.65 12.47 16.82
N CYS B 145 23.50 11.84 16.45
CA CYS B 145 22.96 10.87 17.38
C CYS B 145 23.89 9.68 17.58
N HIS B 146 24.54 9.21 16.53
CA HIS B 146 25.52 8.11 16.68
C HIS B 146 26.67 8.52 17.64
N SER B 147 27.16 9.77 17.46
CA SER B 147 28.27 10.28 18.33
C SER B 147 27.84 10.37 19.79
N MET B 148 26.52 10.47 20.02
CA MET B 148 25.86 10.54 21.32
C MET B 148 25.42 9.14 21.82
N GLY B 149 25.89 8.10 21.14
CA GLY B 149 25.64 6.73 21.56
C GLY B 149 24.25 6.19 21.28
N ILE B 150 23.56 6.79 20.27
CA ILE B 150 22.16 6.42 19.99
C ILE B 150 21.98 6.02 18.52
N MET B 151 21.24 4.91 18.31
CA MET B 151 20.87 4.41 16.98
C MET B 151 19.37 4.81 16.81
N HIS B 152 19.00 5.42 15.65
CA HIS B 152 17.60 5.83 15.49
C HIS B 152 16.70 4.59 15.26
N ARG B 153 17.13 3.70 14.34
CA ARG B 153 16.49 2.41 14.03
C ARG B 153 15.16 2.53 13.31
N ASP B 154 14.81 3.73 12.82
CA ASP B 154 13.59 3.82 12.02
C ASP B 154 13.75 4.97 11.02
N VAL B 155 14.92 5.01 10.35
CA VAL B 155 15.14 6.05 9.35
C VAL B 155 14.31 5.68 8.10
N LYS B 156 13.46 6.62 7.67
CA LYS B 156 12.59 6.41 6.51
C LYS B 156 12.00 7.78 6.15
N PRO B 157 11.44 7.91 4.93
CA PRO B 157 10.94 9.25 4.53
C PRO B 157 9.87 9.84 5.45
N HIS B 158 8.96 9.02 5.99
CA HIS B 158 7.90 9.55 6.87
C HIS B 158 8.47 10.13 8.18
N ASN B 159 9.70 9.73 8.56
CA ASN B 159 10.33 10.22 9.79
C ASN B 159 11.26 11.38 9.58
N VAL B 160 11.18 11.99 8.39
CA VAL B 160 11.96 13.19 8.09
C VAL B 160 10.92 14.29 7.77
N MET B 161 10.88 15.35 8.60
CA MET B 161 9.95 16.46 8.33
C MET B 161 10.74 17.54 7.61
N ILE B 162 10.19 18.07 6.48
N ILE B 162 10.12 18.15 6.59
CA ILE B 162 10.95 19.06 5.68
CA ILE B 162 10.84 19.13 5.82
C ILE B 162 10.13 20.29 5.32
C ILE B 162 10.03 20.40 5.64
N ASP B 163 10.76 21.46 5.39
CA ASP B 163 10.16 22.74 5.02
C ASP B 163 11.04 23.15 3.84
N HIS B 164 10.63 22.79 2.62
CA HIS B 164 11.44 23.01 1.42
C HIS B 164 11.73 24.50 1.17
N GLU B 165 10.75 25.36 1.39
CA GLU B 165 10.98 26.79 1.16
C GLU B 165 12.05 27.34 2.10
N HIS B 166 12.11 26.81 3.35
CA HIS B 166 13.08 27.29 4.31
C HIS B 166 14.31 26.40 4.42
N ARG B 167 14.41 25.38 3.49
CA ARG B 167 15.55 24.46 3.34
C ARG B 167 15.92 23.89 4.72
N LYS B 168 14.88 23.50 5.49
CA LYS B 168 14.98 23.03 6.87
C LYS B 168 14.47 21.59 6.94
N LEU B 169 15.14 20.76 7.76
CA LEU B 169 14.75 19.36 7.91
C LEU B 169 14.89 18.96 9.40
N ARG B 170 14.03 18.03 9.86
CA ARG B 170 14.13 17.49 11.23
C ARG B 170 13.91 15.99 11.18
N LEU B 171 14.76 15.26 11.92
CA LEU B 171 14.58 13.80 12.05
C LEU B 171 13.71 13.60 13.30
N ILE B 172 12.55 12.94 13.08
CA ILE B 172 11.55 12.75 14.11
C ILE B 172 11.38 11.27 14.46
N ASP B 173 10.43 11.02 15.37
CA ASP B 173 9.99 9.70 15.84
C ASP B 173 11.13 8.83 16.34
N TRP B 174 11.58 9.23 17.53
CA TRP B 174 12.65 8.55 18.23
C TRP B 174 12.12 7.41 19.12
N GLY B 175 10.87 6.95 18.86
CA GLY B 175 10.20 5.89 19.63
C GLY B 175 10.85 4.52 19.52
N LEU B 176 11.66 4.27 18.47
CA LEU B 176 12.34 2.98 18.33
C LEU B 176 13.83 3.13 18.59
N ALA B 177 14.29 4.36 18.88
CA ALA B 177 15.74 4.56 19.09
C ALA B 177 16.24 3.82 20.32
N GLU B 178 17.52 3.47 20.32
CA GLU B 178 18.10 2.76 21.48
C GLU B 178 19.54 3.21 21.70
N PHE B 179 20.02 3.01 22.92
CA PHE B 179 21.40 3.29 23.24
C PHE B 179 22.29 2.14 22.74
N TYR B 180 23.41 2.45 22.12
CA TYR B 180 24.32 1.40 21.65
C TYR B 180 25.29 1.02 22.79
N HIS B 181 25.38 -0.29 23.10
CA HIS B 181 26.29 -0.81 24.11
C HIS B 181 27.00 -1.97 23.43
N PRO B 182 28.34 -1.93 23.34
CA PRO B 182 29.06 -2.97 22.56
C PRO B 182 28.82 -4.37 23.09
N GLY B 183 28.47 -5.27 22.18
CA GLY B 183 28.16 -6.64 22.56
C GLY B 183 26.70 -6.91 22.88
N GLN B 184 25.86 -5.85 22.94
CA GLN B 184 24.46 -6.04 23.27
C GLN B 184 23.70 -6.65 22.09
N GLU B 185 22.82 -7.62 22.41
CA GLU B 185 21.98 -8.23 21.37
C GLU B 185 20.67 -7.48 21.42
N TYR B 186 20.27 -6.90 20.28
CA TYR B 186 19.07 -6.09 20.20
C TYR B 186 17.94 -6.83 19.48
N ASN B 187 16.74 -6.30 19.67
CA ASN B 187 15.54 -6.81 19.01
C ASN B 187 15.66 -6.47 17.53
N VAL B 188 15.43 -7.44 16.63
CA VAL B 188 15.52 -7.18 15.20
C VAL B 188 14.22 -6.62 14.63
N ARG B 189 13.14 -6.59 15.43
CA ARG B 189 11.83 -6.09 14.99
C ARG B 189 11.79 -4.58 15.14
N VAL B 190 12.64 -3.92 14.35
CA VAL B 190 12.73 -2.46 14.30
C VAL B 190 12.74 -2.06 12.85
N ALA B 191 12.65 -0.74 12.57
CA ALA B 191 12.60 -0.18 11.21
C ALA B 191 11.37 -0.66 10.40
N SER B 192 11.04 0.05 9.33
N SER B 192 11.05 0.04 9.33
CA SER B 192 9.92 -0.31 8.45
CA SER B 192 9.94 -0.33 8.46
C SER B 192 10.48 -1.24 7.37
C SER B 192 10.50 -1.27 7.40
N ARG B 193 9.69 -2.25 6.94
CA ARG B 193 10.15 -3.28 6.00
C ARG B 193 11.10 -2.83 4.90
N TYR B 194 10.73 -1.79 4.16
CA TYR B 194 11.55 -1.39 3.01
C TYR B 194 12.92 -0.84 3.36
N PHE B 195 13.09 -0.43 4.61
CA PHE B 195 14.33 0.19 5.12
C PHE B 195 15.09 -0.71 6.07
N LYS B 196 14.63 -1.97 6.28
CA LYS B 196 15.33 -2.90 7.19
C LYS B 196 16.65 -3.36 6.57
N GLY B 197 17.71 -3.30 7.35
CA GLY B 197 18.99 -3.81 6.88
C GLY B 197 19.01 -5.33 6.86
N PRO B 198 19.94 -5.88 6.06
CA PRO B 198 20.06 -7.35 5.99
C PRO B 198 20.26 -7.99 7.35
N GLU B 199 20.95 -7.28 8.27
CA GLU B 199 21.15 -7.83 9.62
C GLU B 199 19.82 -8.14 10.31
N LEU B 200 18.80 -7.30 10.09
CA LEU B 200 17.50 -7.56 10.73
C LEU B 200 16.83 -8.74 10.06
N LEU B 201 16.95 -8.81 8.73
CA LEU B 201 16.28 -9.82 7.91
C LEU B 201 16.81 -11.23 8.12
N VAL B 202 18.09 -11.35 8.51
CA VAL B 202 18.70 -12.65 8.83
C VAL B 202 18.80 -12.92 10.35
N ASP B 203 18.11 -12.10 11.17
N ASP B 203 18.12 -12.08 11.18
CA ASP B 203 18.10 -12.25 12.63
CA ASP B 203 18.07 -12.21 12.64
C ASP B 203 19.51 -12.18 13.25
C ASP B 203 19.43 -12.08 13.33
N TYR B 204 20.29 -11.17 12.84
CA TYR B 204 21.61 -10.92 13.43
C TYR B 204 21.40 -9.78 14.45
N GLN B 205 21.46 -10.09 15.75
CA GLN B 205 21.08 -9.17 16.80
C GLN B 205 22.16 -8.20 17.25
N MET B 206 23.43 -8.50 16.96
CA MET B 206 24.51 -7.65 17.48
C MET B 206 24.83 -6.53 16.50
N TYR B 207 23.77 -5.78 16.12
CA TYR B 207 23.94 -4.71 15.15
C TYR B 207 24.28 -3.37 15.82
N ASP B 208 24.43 -2.30 15.01
CA ASP B 208 24.86 -1.05 15.62
C ASP B 208 24.35 0.14 14.77
N TYR B 209 24.99 1.32 14.94
CA TYR B 209 24.62 2.53 14.19
C TYR B 209 24.54 2.30 12.70
N SER B 210 25.36 1.35 12.16
CA SER B 210 25.40 1.09 10.73
C SER B 210 24.05 0.66 10.14
N LEU B 211 23.13 0.22 11.04
CA LEU B 211 21.76 -0.10 10.55
C LEU B 211 21.12 1.17 9.89
N ASP B 212 21.32 2.34 10.55
CA ASP B 212 20.75 3.59 10.02
C ASP B 212 21.32 3.97 8.68
N MET B 213 22.59 3.55 8.41
CA MET B 213 23.24 3.83 7.15
C MET B 213 22.69 3.01 6.00
N TRP B 214 22.26 1.75 6.28
CA TRP B 214 21.58 0.97 5.27
C TRP B 214 20.24 1.69 4.91
N SER B 215 19.46 2.08 5.95
CA SER B 215 18.18 2.75 5.71
C SER B 215 18.37 4.02 4.89
N LEU B 216 19.42 4.78 5.23
CA LEU B 216 19.72 6.01 4.48
C LEU B 216 20.05 5.70 2.98
N GLY B 217 20.80 4.61 2.75
CA GLY B 217 21.11 4.18 1.39
C GLY B 217 19.85 3.84 0.61
N CYS B 218 18.84 3.24 1.30
CA CYS B 218 17.56 2.89 0.63
C CYS B 218 16.86 4.19 0.18
N MET B 219 16.93 5.23 1.04
CA MET B 219 16.33 6.52 0.71
C MET B 219 17.06 7.16 -0.49
N LEU B 220 18.42 7.13 -0.48
CA LEU B 220 19.16 7.69 -1.60
C LEU B 220 18.82 6.97 -2.91
N ALA B 221 18.80 5.63 -2.88
CA ALA B 221 18.50 4.87 -4.11
C ALA B 221 17.14 5.24 -4.64
N SER B 222 16.17 5.48 -3.74
N SER B 222 16.12 5.27 -3.75
N SER B 222 16.13 5.31 -3.76
CA SER B 222 14.85 5.94 -4.16
CA SER B 222 14.74 5.60 -4.10
CA SER B 222 14.78 5.68 -4.17
C SER B 222 14.88 7.32 -4.81
C SER B 222 14.58 6.98 -4.74
C SER B 222 14.75 7.05 -4.87
N MET B 223 15.64 8.25 -4.22
N MET B 223 15.47 7.92 -4.38
CA MET B 223 15.73 9.61 -4.73
CA MET B 223 15.46 9.27 -4.93
C MET B 223 16.44 9.75 -6.06
C MET B 223 16.20 9.39 -6.24
N ILE B 224 17.50 8.99 -6.28
CA ILE B 224 18.27 9.16 -7.53
C ILE B 224 17.72 8.32 -8.67
N PHE B 225 17.05 7.19 -8.34
CA PHE B 225 16.49 6.33 -9.38
C PHE B 225 15.02 6.55 -9.62
N ARG B 226 14.34 7.34 -8.76
CA ARG B 226 12.89 7.56 -8.84
C ARG B 226 12.15 6.21 -8.83
N LYS B 227 12.42 5.38 -7.80
CA LYS B 227 11.85 4.05 -7.62
C LYS B 227 11.47 3.96 -6.17
N GLU B 228 10.16 3.92 -5.91
CA GLU B 228 9.65 3.96 -4.54
C GLU B 228 8.78 2.73 -4.20
N PRO B 229 9.21 1.89 -3.23
CA PRO B 229 10.52 1.88 -2.54
C PRO B 229 11.56 1.25 -3.46
N PHE B 230 12.85 1.40 -3.09
CA PHE B 230 13.86 0.82 -3.96
C PHE B 230 13.81 -0.71 -3.85
N PHE B 231 13.72 -1.25 -2.62
CA PHE B 231 13.64 -2.71 -2.39
C PHE B 231 12.22 -2.98 -1.92
N HIS B 232 11.39 -3.48 -2.84
CA HIS B 232 9.96 -3.64 -2.58
C HIS B 232 9.54 -5.06 -2.19
N GLY B 233 9.84 -5.46 -0.98
CA GLY B 233 9.46 -6.78 -0.47
C GLY B 233 8.05 -6.82 0.07
N HIS B 234 7.40 -8.00 0.03
CA HIS B 234 6.03 -8.14 0.56
C HIS B 234 5.99 -8.63 2.02
N ASP B 235 7.11 -9.15 2.50
CA ASP B 235 7.26 -9.60 3.87
C ASP B 235 8.76 -9.57 4.16
N ASN B 236 9.21 -9.93 5.37
CA ASN B 236 10.64 -9.85 5.73
C ASN B 236 11.51 -10.80 4.91
N TYR B 237 10.96 -11.97 4.54
CA TYR B 237 11.73 -12.91 3.74
C TYR B 237 11.89 -12.40 2.33
N ASP B 238 10.77 -11.98 1.69
CA ASP B 238 10.80 -11.45 0.34
C ASP B 238 11.67 -10.16 0.28
N GLN B 239 11.71 -9.39 1.39
CA GLN B 239 12.56 -8.17 1.39
C GLN B 239 14.02 -8.57 1.15
N LEU B 240 14.49 -9.65 1.80
CA LEU B 240 15.88 -10.07 1.58
C LEU B 240 16.08 -10.56 0.15
N VAL B 241 15.06 -11.21 -0.43
CA VAL B 241 15.10 -11.66 -1.81
C VAL B 241 15.26 -10.46 -2.76
N ARG B 242 14.47 -9.36 -2.56
N ARG B 242 14.48 -9.37 -2.54
CA ARG B 242 14.60 -8.16 -3.39
CA ARG B 242 14.59 -8.17 -3.37
C ARG B 242 16.01 -7.57 -3.32
C ARG B 242 15.99 -7.56 -3.30
N ILE B 243 16.60 -7.58 -2.11
CA ILE B 243 17.96 -7.07 -1.94
C ILE B 243 18.92 -7.98 -2.70
N ALA B 244 18.74 -9.31 -2.53
CA ALA B 244 19.68 -10.28 -3.18
C ALA B 244 19.60 -10.21 -4.72
N LYS B 245 18.44 -9.81 -5.26
CA LYS B 245 18.35 -9.65 -6.74
C LYS B 245 19.15 -8.44 -7.27
N VAL B 246 19.64 -7.55 -6.37
CA VAL B 246 20.43 -6.39 -6.76
C VAL B 246 21.87 -6.60 -6.31
N LEU B 247 22.09 -6.88 -5.01
CA LEU B 247 23.44 -7.03 -4.49
C LEU B 247 24.06 -8.39 -4.82
N GLY B 248 23.21 -9.33 -5.23
CA GLY B 248 23.67 -10.69 -5.55
C GLY B 248 23.74 -11.58 -4.34
N THR B 249 23.72 -12.91 -4.57
CA THR B 249 23.75 -13.85 -3.47
C THR B 249 25.15 -14.24 -3.02
N GLU B 250 26.19 -14.08 -3.89
CA GLU B 250 27.55 -14.44 -3.49
C GLU B 250 27.96 -13.65 -2.23
N ASP B 251 27.73 -12.32 -2.24
CA ASP B 251 28.12 -11.50 -1.10
C ASP B 251 27.24 -11.74 0.12
N LEU B 252 25.98 -12.15 -0.10
CA LEU B 252 25.07 -12.48 0.98
C LEU B 252 25.58 -13.72 1.74
N TYR B 253 25.95 -14.79 0.99
CA TYR B 253 26.46 -16.00 1.63
C TYR B 253 27.82 -15.78 2.30
N ASP B 254 28.65 -14.86 1.74
CA ASP B 254 29.94 -14.51 2.37
C ASP B 254 29.66 -13.82 3.71
N TYR B 255 28.61 -12.94 3.74
CA TYR B 255 28.21 -12.24 4.98
C TYR B 255 27.75 -13.23 6.04
N ILE B 256 26.86 -14.16 5.65
CA ILE B 256 26.28 -15.21 6.51
C ILE B 256 27.43 -16.07 7.09
N ASP B 257 28.42 -16.40 6.27
CA ASP B 257 29.56 -17.20 6.72
C ASP B 257 30.43 -16.43 7.72
N LYS B 258 30.74 -15.15 7.39
CA LYS B 258 31.59 -14.31 8.24
C LYS B 258 31.07 -14.18 9.68
N TYR B 259 29.74 -14.00 9.85
CA TYR B 259 29.20 -13.84 11.19
C TYR B 259 28.55 -15.09 11.76
N ASN B 260 28.74 -16.25 11.07
CA ASN B 260 28.22 -17.57 11.43
C ASN B 260 26.71 -17.47 11.72
N ILE B 261 25.97 -16.82 10.81
CA ILE B 261 24.52 -16.63 10.96
C ILE B 261 23.81 -17.89 10.48
N GLU B 262 22.82 -18.40 11.26
CA GLU B 262 22.08 -19.59 10.83
C GLU B 262 20.83 -19.20 10.04
N LEU B 263 20.64 -19.76 8.83
CA LEU B 263 19.44 -19.53 8.02
C LEU B 263 18.57 -20.78 7.98
N ASP B 264 17.25 -20.60 8.01
CA ASP B 264 16.26 -21.71 7.95
C ASP B 264 16.36 -22.39 6.58
N PRO B 265 16.20 -23.73 6.43
CA PRO B 265 16.33 -24.38 5.10
C PRO B 265 15.42 -23.84 4.00
N ARG B 266 14.24 -23.35 4.37
CA ARG B 266 13.27 -22.75 3.40
C ARG B 266 13.87 -21.49 2.77
N PHE B 267 14.63 -20.70 3.55
CA PHE B 267 15.22 -19.41 3.08
C PHE B 267 16.16 -19.68 1.90
N ASN B 268 16.93 -20.76 1.98
CA ASN B 268 17.84 -21.14 0.90
C ASN B 268 17.11 -21.33 -0.43
N ASP B 269 15.90 -21.94 -0.38
CA ASP B 269 15.06 -22.15 -1.57
C ASP B 269 14.46 -20.84 -2.12
N ILE B 270 13.99 -19.92 -1.25
CA ILE B 270 13.37 -18.68 -1.76
C ILE B 270 14.40 -17.64 -2.27
N LEU B 271 15.60 -17.65 -1.67
CA LEU B 271 16.72 -16.75 -2.05
C LEU B 271 17.26 -17.02 -3.47
N GLY B 272 17.37 -18.29 -3.86
CA GLY B 272 17.92 -18.64 -5.17
C GLY B 272 19.36 -18.18 -5.32
N ARG B 273 19.81 -17.97 -6.56
CA ARG B 273 21.17 -17.52 -6.83
C ARG B 273 21.09 -16.41 -7.85
N HIS B 274 21.69 -15.26 -7.52
CA HIS B 274 21.58 -14.06 -8.35
C HIS B 274 22.90 -13.35 -8.53
N SER B 275 23.15 -12.78 -9.72
CA SER B 275 24.37 -11.98 -9.93
C SER B 275 24.20 -10.63 -9.23
N ARG B 276 25.33 -9.95 -8.99
CA ARG B 276 25.34 -8.59 -8.47
C ARG B 276 25.08 -7.70 -9.68
N LYS B 277 24.00 -6.88 -9.63
CA LYS B 277 23.65 -5.98 -10.74
C LYS B 277 24.45 -4.68 -10.62
N ARG B 278 24.90 -4.14 -11.74
CA ARG B 278 25.63 -2.86 -11.71
C ARG B 278 24.63 -1.74 -11.42
N TRP B 279 25.02 -0.75 -10.61
CA TRP B 279 24.10 0.36 -10.29
C TRP B 279 23.58 1.10 -11.52
N GLU B 280 24.41 1.14 -12.60
CA GLU B 280 24.01 1.80 -13.86
C GLU B 280 22.77 1.16 -14.50
N ARG B 281 22.44 -0.09 -14.12
CA ARG B 281 21.26 -0.82 -14.61
C ARG B 281 19.95 -0.15 -14.24
N PHE B 282 19.98 0.68 -13.18
CA PHE B 282 18.79 1.37 -12.70
C PHE B 282 18.60 2.75 -13.31
N VAL B 283 19.58 3.19 -14.12
CA VAL B 283 19.54 4.50 -14.77
C VAL B 283 18.68 4.41 -16.04
N HIS B 284 17.77 5.37 -16.23
CA HIS B 284 16.94 5.44 -17.44
C HIS B 284 16.72 6.90 -17.80
N SER B 285 16.03 7.19 -18.92
CA SER B 285 15.86 8.57 -19.38
C SER B 285 15.16 9.51 -18.36
N GLU B 286 14.31 8.96 -17.46
CA GLU B 286 13.55 9.75 -16.49
C GLU B 286 14.31 10.08 -15.19
N ASN B 287 15.44 9.39 -14.92
CA ASN B 287 16.20 9.67 -13.70
C ASN B 287 17.68 10.00 -13.97
N GLN B 288 18.14 9.94 -15.24
N GLN B 288 18.14 9.95 -15.25
CA GLN B 288 19.57 10.16 -15.55
CA GLN B 288 19.54 10.19 -15.60
C GLN B 288 20.13 11.51 -15.06
C GLN B 288 20.12 11.50 -15.05
N HIS B 289 19.29 12.56 -14.98
CA HIS B 289 19.73 13.89 -14.50
C HIS B 289 20.05 13.91 -13.00
N LEU B 290 19.66 12.84 -12.28
CA LEU B 290 19.89 12.78 -10.84
C LEU B 290 21.12 11.94 -10.52
N VAL B 291 21.64 11.22 -11.51
CA VAL B 291 22.70 10.27 -11.32
C VAL B 291 24.04 10.81 -11.84
N SER B 292 25.08 10.55 -11.08
CA SER B 292 26.45 10.96 -11.39
C SER B 292 27.37 9.84 -10.92
N PRO B 293 28.63 9.78 -11.41
CA PRO B 293 29.55 8.75 -10.89
C PRO B 293 29.72 8.86 -9.37
N GLU B 294 29.73 10.09 -8.81
CA GLU B 294 29.85 10.30 -7.36
C GLU B 294 28.63 9.73 -6.62
N ALA B 295 27.40 9.93 -7.18
CA ALA B 295 26.18 9.39 -6.53
C ALA B 295 26.24 7.86 -6.46
N LEU B 296 26.64 7.23 -7.58
CA LEU B 296 26.72 5.77 -7.63
C LEU B 296 27.81 5.23 -6.74
N ASP B 297 28.97 5.91 -6.68
CA ASP B 297 30.07 5.46 -5.81
C ASP B 297 29.61 5.53 -4.34
N PHE B 298 28.93 6.63 -3.99
CA PHE B 298 28.45 6.82 -2.63
C PHE B 298 27.38 5.76 -2.28
N LEU B 299 26.41 5.56 -3.18
CA LEU B 299 25.36 4.59 -2.94
C LEU B 299 25.91 3.17 -2.75
N ASP B 300 26.90 2.81 -3.58
CA ASP B 300 27.50 1.49 -3.50
C ASP B 300 28.17 1.24 -2.14
N LYS B 301 28.67 2.32 -1.52
CA LYS B 301 29.39 2.22 -0.25
C LYS B 301 28.45 2.23 0.98
N LEU B 302 27.15 2.51 0.75
CA LEU B 302 26.15 2.45 1.82
C LEU B 302 25.45 1.10 1.78
N LEU B 303 25.02 0.67 0.57
CA LEU B 303 24.24 -0.55 0.44
C LEU B 303 25.14 -1.77 0.33
N ARG B 304 25.68 -2.19 1.48
CA ARG B 304 26.52 -3.40 1.56
C ARG B 304 25.88 -4.33 2.61
N TYR B 305 25.91 -5.67 2.35
CA TYR B 305 25.37 -6.58 3.35
C TYR B 305 26.11 -6.43 4.68
N ASP B 306 27.46 -6.43 4.61
CA ASP B 306 28.27 -6.40 5.82
C ASP B 306 28.18 -5.04 6.48
N HIS B 307 27.45 -5.00 7.60
CA HIS B 307 27.24 -3.74 8.33
C HIS B 307 28.54 -3.02 8.69
N GLN B 308 29.62 -3.81 8.98
CA GLN B 308 30.92 -3.19 9.30
C GLN B 308 31.57 -2.50 8.10
N SER B 309 31.16 -2.89 6.86
N SER B 309 31.20 -2.86 6.86
CA SER B 309 31.70 -2.40 5.59
CA SER B 309 31.83 -2.26 5.69
C SER B 309 31.04 -1.13 5.07
C SER B 309 31.17 -0.98 5.22
N ARG B 310 29.91 -0.73 5.64
CA ARG B 310 29.21 0.48 5.20
C ARG B 310 29.94 1.72 5.70
N LEU B 311 29.80 2.82 4.93
CA LEU B 311 30.35 4.08 5.41
C LEU B 311 29.69 4.44 6.73
N THR B 312 30.44 5.12 7.62
CA THR B 312 29.85 5.70 8.80
C THR B 312 29.19 7.03 8.36
N ALA B 313 28.39 7.65 9.25
CA ALA B 313 27.77 8.93 8.85
C ALA B 313 28.83 10.00 8.55
N ARG B 314 29.96 10.02 9.31
CA ARG B 314 31.02 11.01 9.10
C ARG B 314 31.79 10.71 7.83
N GLU B 315 32.09 9.43 7.56
CA GLU B 315 32.77 9.08 6.32
C GLU B 315 31.87 9.47 5.13
N ALA B 316 30.55 9.24 5.26
CA ALA B 316 29.62 9.59 4.20
C ALA B 316 29.65 11.13 3.97
N MET B 317 29.66 11.92 5.05
CA MET B 317 29.70 13.38 4.98
C MET B 317 30.94 13.89 4.22
N GLU B 318 32.04 13.10 4.26
CA GLU B 318 33.29 13.47 3.60
C GLU B 318 33.34 13.01 2.13
N HIS B 319 32.32 12.27 1.63
CA HIS B 319 32.33 11.79 0.25
C HIS B 319 32.24 12.94 -0.76
N PRO B 320 32.96 12.82 -1.91
CA PRO B 320 32.90 13.88 -2.95
C PRO B 320 31.51 14.23 -3.45
N TYR B 321 30.56 13.30 -3.30
CA TYR B 321 29.17 13.57 -3.72
C TYR B 321 28.66 14.86 -3.07
N PHE B 322 29.12 15.18 -1.85
CA PHE B 322 28.66 16.36 -1.08
C PHE B 322 29.53 17.60 -1.21
N TYR B 323 30.56 17.59 -2.08
CA TYR B 323 31.44 18.77 -2.21
C TYR B 323 30.72 20.07 -2.53
N THR B 324 29.60 20.01 -3.24
N THR B 324 29.57 19.97 -3.21
CA THR B 324 28.89 21.26 -3.56
CA THR B 324 28.69 21.09 -3.61
C THR B 324 28.06 21.80 -2.37
C THR B 324 27.98 21.73 -2.41
N VAL B 325 27.81 20.99 -1.32
CA VAL B 325 27.07 21.45 -0.14
C VAL B 325 27.91 22.40 0.71
N VAL B 326 27.42 23.62 1.00
CA VAL B 326 28.17 24.54 1.87
C VAL B 326 27.98 24.06 3.31
N LYS B 327 29.08 23.65 3.92
CA LYS B 327 29.19 23.09 5.27
C LYS B 327 29.65 24.13 6.28
C ACE C 1 -1.43 -13.60 -46.05
O ACE C 1 -0.86 -13.05 -45.11
CH3 ACE C 1 -1.30 -15.07 -46.31
N GLY C 2 -2.20 -12.91 -46.89
CA GLY C 2 -2.13 -11.47 -46.97
C GLY C 2 -3.34 -10.74 -46.40
N GLY C 3 -4.25 -11.49 -45.78
CA GLY C 3 -5.41 -10.89 -45.12
C GLY C 3 -5.57 -11.36 -43.61
N ARG C 4 -4.74 -10.41 -42.79
CA ARG C 4 -4.76 -10.85 -41.41
C ARG C 4 -5.08 -9.63 -40.57
N LEU C 5 -5.63 -9.83 -39.36
CA LEU C 5 -5.86 -8.77 -38.40
C LEU C 5 -5.04 -9.20 -37.19
N TYR C 6 -4.03 -8.37 -36.84
CA TYR C 6 -3.10 -8.65 -35.74
C TYR C 6 -2.50 -10.05 -35.87
N GLY C 7 -2.31 -10.45 -37.13
CA GLY C 7 -1.74 -11.74 -37.51
C GLY C 7 -2.69 -12.90 -37.67
N PHE C 8 -3.98 -12.74 -37.30
CA PHE C 8 -4.94 -13.82 -37.43
C PHE C 8 -5.59 -13.82 -38.81
N LYS C 9 -5.78 -15.00 -39.36
CA LYS C 9 -6.58 -15.20 -40.57
C LYS C 9 -8.04 -15.21 -40.11
N TRP C 10 -8.97 -15.18 -41.08
CA TRP C 10 -10.41 -15.15 -40.78
C TRP C 10 -11.14 -16.42 -41.23
N HIS C 11 -12.21 -16.77 -40.50
CA HIS C 11 -13.02 -17.97 -40.84
C HIS C 11 -14.49 -17.57 -41.01
N GLY C 12 -15.03 -16.98 -42.30
CA GLY C 12 -16.35 -16.38 -42.45
C GLY C 12 -17.35 -17.41 -42.91
N GLY C 13 -18.49 -16.90 -43.39
CA GLY C 13 -19.43 -17.73 -44.11
C GLY C 13 -19.86 -18.88 -43.22
N GLY C 14 -20.66 -19.78 -43.77
CA GLY C 14 -21.21 -20.87 -42.99
C GLY C 14 -22.36 -20.47 -42.09
N NH2 C 15 -23.27 -21.39 -41.81
C ACE D 1 -14.78 17.60 31.00
O ACE D 1 -14.13 18.63 30.93
CH3 ACE D 1 -14.48 16.52 32.00
N GLY D 2 -15.80 17.35 30.17
CA GLY D 2 -16.15 18.28 29.11
C GLY D 2 -16.00 17.68 27.73
N GLY D 3 -15.24 18.35 26.87
CA GLY D 3 -14.89 17.80 25.56
C GLY D 3 -13.34 17.68 25.45
N ARG D 4 -12.96 16.51 26.13
CA ARG D 4 -11.49 16.34 26.11
C ARG D 4 -11.14 15.05 25.35
N LEU D 5 -9.85 15.12 24.89
CA LEU D 5 -9.29 13.94 24.29
C LEU D 5 -8.00 13.72 25.05
N TYR D 6 -7.92 12.58 25.76
CA TYR D 6 -6.80 12.22 26.61
C TYR D 6 -6.45 13.36 27.57
N GLY D 7 -7.53 14.05 28.02
CA GLY D 7 -7.59 15.20 28.91
C GLY D 7 -7.27 16.55 28.34
N PHE D 8 -6.97 16.65 27.03
CA PHE D 8 -6.74 17.96 26.45
C PHE D 8 -8.05 18.55 25.96
N LYS D 9 -8.20 19.85 26.13
CA LYS D 9 -9.33 20.61 25.57
C LYS D 9 -8.92 20.91 24.12
N TRP D 10 -9.88 21.36 23.31
CA TRP D 10 -9.64 21.70 21.91
C TRP D 10 -9.64 23.23 21.68
N HIS D 11 -8.88 23.67 20.70
CA HIS D 11 -8.89 25.10 20.33
C HIS D 11 -9.29 25.18 18.86
N GLY D 12 -10.78 24.69 18.40
CA GLY D 12 -11.25 24.74 17.01
C GLY D 12 -11.55 26.18 16.59
N GLY D 13 -11.48 26.46 15.29
CA GLY D 13 -11.93 27.73 14.76
C GLY D 13 -11.01 28.88 15.13
N GLY D 14 -11.53 30.10 15.02
CA GLY D 14 -10.71 31.28 15.11
C GLY D 14 -10.74 32.11 13.85
N NH2 D 15 -11.16 33.36 13.95
C1 GOL E . -2.68 -21.89 -21.64
O1 GOL E . -1.97 -22.63 -22.62
C2 GOL E . -1.72 -21.17 -20.70
O2 GOL E . -2.45 -20.44 -19.72
C3 GOL E . -0.74 -22.11 -20.01
O3 GOL E . -1.41 -23.04 -19.16
C BEZ F . -12.11 -10.88 -20.77
O1 BEZ F . -11.79 -9.72 -20.97
O2 BEZ F . -11.61 -11.62 -19.84
C1 BEZ F . -13.08 -11.60 -21.65
C2 BEZ F . -13.80 -10.91 -22.63
C3 BEZ F . -14.80 -11.54 -23.33
C4 BEZ F . -15.07 -12.89 -23.11
C5 BEZ F . -14.30 -13.61 -22.22
C6 BEZ F . -13.30 -12.97 -21.48
C ACT G . -3.28 -0.65 -12.14
O ACT G . -3.34 -1.26 -13.27
OXT ACT G . -2.70 -1.06 -11.09
CH3 ACT G . -3.97 0.75 -12.06
C ACT H . 12.26 -2.05 20.70
O ACT H . 11.41 -1.06 20.84
OXT ACT H . 13.36 -2.22 21.32
CH3 ACT H . 11.89 -3.13 19.64
C1 GOL I . 9.76 23.49 10.66
O1 GOL I . 8.84 24.06 9.71
C2 GOL I . 10.81 22.72 9.91
O2 GOL I . 11.89 22.43 10.78
C3 GOL I . 10.21 21.43 9.35
O3 GOL I . 11.27 20.52 9.06
C1 GOL J . 12.47 18.77 30.64
O1 GOL J . 13.84 19.11 30.55
C2 GOL J . 11.87 18.79 29.25
O2 GOL J . 12.08 17.53 28.60
C3 GOL J . 10.41 19.18 29.20
O3 GOL J . 10.21 20.46 29.77
C BEZ K . 7.71 12.57 16.70
O1 BEZ K . 7.04 11.46 16.65
O2 BEZ K . 8.84 12.65 17.15
C1 BEZ K . 7.06 13.74 16.03
C2 BEZ K . 7.66 14.99 16.08
C3 BEZ K . 7.15 16.06 15.37
C4 BEZ K . 6.04 15.88 14.56
C5 BEZ K . 5.43 14.64 14.48
C6 BEZ K . 5.93 13.58 15.23
N3 A1H27 L . -9.03 -9.10 -44.38
C5 A1H27 L . -6.67 -11.23 -45.91
C6 A1H27 L . -8.91 -11.28 -44.76
C8 A1H27 L . -11.04 -10.37 -43.67
N10 A1H27 L . -14.17 -14.87 -44.40
C11 A1H27 L . -13.59 -10.62 -42.59
C12 A1H27 L . -13.02 -11.69 -43.27
C14 A1H27 L . -13.78 -12.92 -43.50
C15 A1H27 L . -15.00 -13.32 -43.05
C16 A1H27 L . -16.40 -15.34 -43.57
N2 A1H27 L . -7.81 -10.65 -45.20
O6 A1H27 L . -12.94 -7.20 -41.64
C10 A1H27 L . -12.88 -9.43 -42.44
C13 A1H27 L . -11.75 -11.56 -43.81
C9 A1H27 L . -11.60 -9.30 -42.98
C7 A1H27 L . -9.69 -10.28 -44.25
O5 A1H27 L . -14.67 -8.50 -41.34
N4 A1H27 L . -7.88 -9.33 -44.96
N5 A1H27 L . -15.21 -14.50 -43.63
N11 A1H27 L . -13.29 -13.90 -44.33
C23 A1H27 L . -13.50 -8.27 -41.76
N3 A1H27 M . -14.92 16.58 21.65
C5 A1H27 M . -15.45 18.67 24.43
C6 A1H27 M . -14.47 18.70 22.11
C8 A1H27 M . -13.78 17.80 19.80
N10 A1H27 M . -11.81 21.86 15.95
C11 A1H27 M . -12.75 17.97 17.21
C12 A1H27 M . -12.90 19.12 17.98
C14 A1H27 M . -12.57 20.44 17.42
C15 A1H27 M . -12.87 21.69 17.89
C16 A1H27 M . -12.57 23.99 16.89
N2 A1H27 M . -15.09 18.10 23.13
O6 A1H27 M . -13.32 14.41 17.30
C10 A1H27 M . -13.13 16.73 17.73
C13 A1H27 M . -13.40 19.03 19.27
C9 A1H27 M . -13.65 16.65 19.02
C7 A1H27 M . -14.36 17.73 21.14
O5 A1H27 M . -12.53 15.72 15.69
N4 A1H27 M . -15.36 16.82 22.85
N5 A1H27 M . -12.41 22.53 16.96
N11 A1H27 M . -11.91 20.59 16.23
C23 A1H27 M . -13.01 15.51 16.89
#